data_9U3C
#
_entry.id   9U3C
#
_cell.length_a   72.674
_cell.length_b   69.049
_cell.length_c   73.966
_cell.angle_alpha   90.000
_cell.angle_beta   93.972
_cell.angle_gamma   90.000
#
_symmetry.space_group_name_H-M   'P 1 21 1'
#
loop_
_entity.id
_entity.type
_entity.pdbx_description
1 polymer 'Monomeric sarcosine oxidase'
2 non-polymer 'FLAVIN-ADENINE DINUCLEOTIDE'
3 non-polymer PROLINE
4 non-polymer GLYCEROL
5 non-polymer 'CHLORIDE ION'
6 non-polymer 'SULFATE ION'
7 non-polymer 'PHOSPHATE ION'
8 water water
#
_entity_poly.entity_id   1
_entity_poly.type   'polypeptide(L)'
_entity_poly.pdbx_seq_one_letter_code
;STHFDVIVVGAGSMGMAAGYQLAKQGVKTLLVDAFDPPHTNGSHHGDTRIIRHAYGEGREYVPLALRSQELWYELEKETH
HKIFTKTGVLVFGPKGESAFVAETMEAAKEHSLTVDLLEGDEINKRWPGITVPENYNAIFEPNSGVLFSENCIRAYRELA
EARGAKVLTHTRVEDFDISPDSVKIETANGSYTADKLIVSMGAWNSKLLSKLNLDIPLQPYRQVVGFFESDESKYSNDID
FPGFMVEVPNGIYYGFPSFGGCGLKLGYHTFGQKIDPDTINREFGVYPEDESNLRAFLEEYMPGANGELKRGAVCMYTKT
LDEHFIIDLHPEHSNVVIAAGFSGHGFKFSSGVGEVLSQLALTGKTEHDISIFSINRPALKESLQKTTIGSHHHHHH
;
_entity_poly.pdbx_strand_id   A,B
#
# COMPACT_ATOMS: atom_id res chain seq x y z
N HIS A 3 -23.10 3.18 28.75
CA HIS A 3 -21.89 2.90 29.57
C HIS A 3 -20.93 2.14 28.67
N PHE A 4 -19.64 2.42 28.83
CA PHE A 4 -18.60 1.76 28.08
C PHE A 4 -17.50 1.32 29.04
N ASP A 5 -16.57 0.49 28.52
CA ASP A 5 -15.35 0.20 29.25
C ASP A 5 -14.45 1.43 29.22
N VAL A 6 -14.27 2.02 28.03
CA VAL A 6 -13.37 3.16 27.84
C VAL A 6 -14.05 4.16 26.91
N ILE A 7 -13.94 5.44 27.28
CA ILE A 7 -14.26 6.53 26.39
C ILE A 7 -12.96 7.22 25.97
N VAL A 8 -12.84 7.48 24.65
CA VAL A 8 -11.76 8.28 24.10
C VAL A 8 -12.34 9.62 23.65
N VAL A 9 -11.82 10.73 24.18
CA VAL A 9 -12.28 12.06 23.80
C VAL A 9 -11.24 12.65 22.88
N GLY A 10 -11.62 12.78 21.61
CA GLY A 10 -10.73 13.24 20.55
C GLY A 10 -10.23 12.01 19.82
N ALA A 11 -10.83 11.74 18.67
CA ALA A 11 -10.56 10.52 17.90
C ALA A 11 -9.70 10.87 16.72
N GLY A 12 -8.59 11.58 16.99
CA GLY A 12 -7.72 12.00 15.92
C GLY A 12 -6.52 11.05 15.85
N SER A 13 -5.33 11.62 15.66
CA SER A 13 -4.12 10.84 15.45
C SER A 13 -3.91 9.83 16.56
N MET A 14 -3.95 10.31 17.80
CA MET A 14 -3.67 9.46 18.94
C MET A 14 -4.90 8.67 19.36
N GLY A 15 -6.06 9.35 19.38
CA GLY A 15 -7.30 8.76 19.85
C GLY A 15 -7.78 7.62 18.97
N MET A 16 -7.70 7.78 17.64
CA MET A 16 -8.15 6.70 16.77
C MET A 16 -7.24 5.47 16.88
N ALA A 17 -5.92 5.68 17.00
CA ALA A 17 -4.98 4.58 17.19
C ALA A 17 -5.29 3.83 18.50
N ALA A 18 -5.58 4.58 19.56
CA ALA A 18 -5.93 3.99 20.84
C ALA A 18 -7.23 3.19 20.68
N GLY A 19 -8.23 3.75 19.98
CA GLY A 19 -9.48 3.04 19.83
C GLY A 19 -9.31 1.71 19.11
N TYR A 20 -8.48 1.68 18.06
CA TYR A 20 -8.20 0.42 17.39
C TYR A 20 -7.59 -0.59 18.37
N GLN A 21 -6.60 -0.16 19.13
CA GLN A 21 -5.90 -1.06 20.07
C GLN A 21 -6.88 -1.62 21.08
N LEU A 22 -7.77 -0.78 21.60
CA LEU A 22 -8.78 -1.24 22.53
C LEU A 22 -9.78 -2.20 21.89
N ALA A 23 -10.31 -1.82 20.74
CA ALA A 23 -11.31 -2.64 20.08
C ALA A 23 -10.74 -4.02 19.74
N LYS A 24 -9.47 -4.08 19.36
CA LYS A 24 -8.82 -5.31 18.96
CA LYS A 24 -8.90 -5.35 18.93
C LYS A 24 -8.81 -6.29 20.13
N GLN A 25 -8.87 -5.76 21.35
CA GLN A 25 -8.82 -6.58 22.54
C GLN A 25 -10.20 -6.84 23.13
N GLY A 26 -11.23 -6.48 22.39
CA GLY A 26 -12.60 -6.71 22.78
C GLY A 26 -13.02 -5.79 23.92
N VAL A 27 -12.38 -4.62 24.06
CA VAL A 27 -12.81 -3.65 25.07
C VAL A 27 -13.93 -2.79 24.47
N LYS A 28 -15.04 -2.59 25.19
CA LYS A 28 -16.17 -1.82 24.69
C LYS A 28 -15.84 -0.35 24.75
N THR A 29 -15.69 0.31 23.58
CA THR A 29 -15.08 1.62 23.50
C THR A 29 -15.99 2.56 22.73
N LEU A 30 -16.11 3.78 23.25
CA LEU A 30 -16.73 4.89 22.59
C LEU A 30 -15.67 5.93 22.26
N LEU A 31 -15.62 6.37 21.01
CA LEU A 31 -14.77 7.50 20.67
C LEU A 31 -15.67 8.68 20.29
N VAL A 32 -15.33 9.85 20.82
CA VAL A 32 -16.13 11.02 20.59
C VAL A 32 -15.26 12.08 19.93
N ASP A 33 -15.74 12.67 18.84
CA ASP A 33 -14.97 13.70 18.17
C ASP A 33 -15.87 14.86 17.79
N ALA A 34 -15.31 16.06 17.89
CA ALA A 34 -15.96 17.30 17.47
C ALA A 34 -16.32 17.36 15.99
N PHE A 35 -15.55 16.63 15.15
CA PHE A 35 -15.75 16.56 13.71
C PHE A 35 -15.88 15.09 13.31
N ASP A 36 -15.44 14.75 12.11
CA ASP A 36 -15.58 13.40 11.60
C ASP A 36 -14.21 13.02 11.03
N PRO A 37 -13.33 12.42 11.84
CA PRO A 37 -11.97 12.22 11.39
C PRO A 37 -11.83 11.21 10.27
N PRO A 38 -10.88 11.41 9.33
CA PRO A 38 -9.99 12.55 9.29
C PRO A 38 -10.63 13.81 8.76
N HIS A 39 -10.18 14.96 9.28
CA HIS A 39 -10.73 16.25 8.91
C HIS A 39 -9.62 17.28 8.82
N THR A 40 -10.00 18.54 8.46
CA THR A 40 -9.02 19.61 8.25
C THR A 40 -9.02 20.65 9.37
N ASN A 41 -9.58 20.35 10.55
CA ASN A 41 -9.66 21.31 11.64
C ASN A 41 -8.66 21.07 12.77
N GLY A 42 -7.87 19.99 12.70
CA GLY A 42 -6.99 19.59 13.77
C GLY A 42 -5.54 19.66 13.31
N SER A 43 -4.82 18.59 13.63
CA SER A 43 -3.37 18.53 13.45
C SER A 43 -2.95 17.41 12.51
N HIS A 44 -3.90 16.75 11.81
CA HIS A 44 -3.57 15.53 11.04
C HIS A 44 -3.69 15.59 9.51
N HIS A 45 -4.13 16.72 8.93
CA HIS A 45 -4.42 16.85 7.51
C HIS A 45 -3.19 17.37 6.76
N GLY A 46 -3.35 17.56 5.46
CA GLY A 46 -2.22 17.91 4.60
C GLY A 46 -1.57 16.68 3.95
N ASP A 47 -2.24 15.52 4.05
CA ASP A 47 -1.98 14.31 3.29
C ASP A 47 -0.85 13.45 3.86
N THR A 48 0.32 14.08 4.12
CA THR A 48 1.57 13.36 4.34
C THR A 48 2.26 13.79 5.62
N ARG A 49 2.95 12.80 6.24
CA ARG A 49 3.72 12.98 7.46
C ARG A 49 5.04 12.19 7.35
N ILE A 50 6.14 12.80 7.78
CA ILE A 50 7.42 12.15 7.84
CA ILE A 50 7.42 12.15 7.84
C ILE A 50 7.43 11.20 9.02
N ILE A 51 8.03 10.02 8.83
CA ILE A 51 8.50 9.21 9.94
C ILE A 51 10.02 9.06 9.80
N ARG A 52 10.73 9.40 10.89
CA ARG A 52 12.17 9.22 11.02
C ARG A 52 12.41 8.24 12.15
N HIS A 53 13.52 7.52 12.11
CA HIS A 53 13.93 6.67 13.21
C HIS A 53 15.09 7.32 13.97
N ALA A 54 16.19 7.65 13.29
CA ALA A 54 17.27 8.43 13.87
C ALA A 54 16.73 9.82 14.18
N TYR A 55 16.68 10.15 15.47
CA TYR A 55 15.78 11.17 16.01
C TYR A 55 16.56 12.35 16.65
N GLY A 56 16.59 13.45 15.91
CA GLY A 56 17.31 14.66 16.30
C GLY A 56 16.75 15.34 17.54
N GLU A 57 15.45 15.15 17.83
CA GLU A 57 14.86 15.66 19.05
C GLU A 57 15.32 14.90 20.29
N GLY A 58 15.94 13.74 20.09
CA GLY A 58 16.38 12.94 21.22
C GLY A 58 16.49 11.46 20.87
N ARG A 59 17.68 10.86 21.12
CA ARG A 59 17.89 9.45 20.90
C ARG A 59 16.90 8.58 21.69
N GLU A 60 16.35 9.09 22.81
CA GLU A 60 15.42 8.28 23.59
C GLU A 60 14.07 7.99 22.90
N TYR A 61 13.76 8.69 21.79
CA TYR A 61 12.53 8.34 21.07
C TYR A 61 12.70 7.18 20.10
N VAL A 62 13.93 6.69 19.88
CA VAL A 62 14.15 5.76 18.79
C VAL A 62 13.35 4.47 18.96
N PRO A 63 13.30 3.82 20.15
CA PRO A 63 12.53 2.58 20.22
C PRO A 63 11.04 2.75 19.91
N LEU A 64 10.46 3.85 20.37
CA LEU A 64 9.09 4.19 20.01
C LEU A 64 8.94 4.38 18.50
N ALA A 65 9.91 5.03 17.85
CA ALA A 65 9.86 5.20 16.40
C ALA A 65 9.89 3.85 15.66
N LEU A 66 10.76 2.94 16.12
CA LEU A 66 10.92 1.65 15.46
C LEU A 66 9.68 0.78 15.70
N ARG A 67 9.12 0.84 16.92
CA ARG A 67 7.87 0.12 17.17
C ARG A 67 6.76 0.68 16.27
N SER A 68 6.73 2.01 16.15
CA SER A 68 5.68 2.64 15.37
C SER A 68 5.81 2.24 13.91
N GLN A 69 7.04 2.17 13.39
CA GLN A 69 7.26 1.77 12.02
C GLN A 69 6.74 0.36 11.77
N GLU A 70 7.05 -0.56 12.69
CA GLU A 70 6.56 -1.92 12.56
C GLU A 70 5.04 -1.93 12.55
N LEU A 71 4.38 -1.16 13.43
CA LEU A 71 2.93 -1.08 13.45
C LEU A 71 2.37 -0.47 12.15
N TRP A 72 3.07 0.49 11.54
CA TRP A 72 2.62 1.04 10.26
C TRP A 72 2.68 -0.01 9.14
N TYR A 73 3.74 -0.84 9.12
CA TYR A 73 3.79 -1.95 8.16
C TYR A 73 2.64 -2.93 8.43
N GLU A 74 2.32 -3.18 9.70
CA GLU A 74 1.18 -4.04 10.01
C GLU A 74 -0.12 -3.43 9.49
N LEU A 75 -0.29 -2.10 9.60
CA LEU A 75 -1.51 -1.47 9.16
C LEU A 75 -1.62 -1.52 7.64
N GLU A 76 -0.50 -1.31 6.92
CA GLU A 76 -0.47 -1.45 5.48
C GLU A 76 -1.05 -2.81 5.08
N LYS A 77 -0.65 -3.87 5.78
CA LYS A 77 -1.12 -5.21 5.43
C LYS A 77 -2.61 -5.40 5.73
N GLU A 78 -3.21 -4.63 6.66
CA GLU A 78 -4.56 -4.92 7.11
CA GLU A 78 -4.56 -4.90 7.13
C GLU A 78 -5.60 -4.13 6.31
N THR A 79 -5.22 -3.04 5.64
CA THR A 79 -6.19 -2.15 4.98
C THR A 79 -5.92 -2.08 3.48
N HIS A 80 -6.90 -1.61 2.73
CA HIS A 80 -6.78 -1.28 1.30
C HIS A 80 -6.26 0.15 1.08
N HIS A 81 -6.27 0.99 2.11
CA HIS A 81 -5.78 2.35 2.00
C HIS A 81 -4.24 2.30 1.99
N LYS A 82 -3.62 3.25 1.30
CA LYS A 82 -2.17 3.34 1.29
C LYS A 82 -1.67 3.98 2.59
N ILE A 83 -0.69 3.34 3.23
CA ILE A 83 -0.21 3.82 4.53
C ILE A 83 1.17 4.47 4.46
N PHE A 84 2.12 3.83 3.77
CA PHE A 84 3.53 4.18 3.92
C PHE A 84 4.27 4.00 2.63
N THR A 85 5.13 4.98 2.29
CA THR A 85 6.06 4.86 1.18
C THR A 85 7.47 5.12 1.72
N LYS A 86 8.41 4.26 1.32
CA LYS A 86 9.77 4.32 1.86
C LYS A 86 10.62 5.29 1.05
N THR A 87 10.41 6.58 1.22
CA THR A 87 11.14 7.61 0.51
C THR A 87 12.56 7.78 1.04
N GLY A 88 12.83 7.34 2.26
CA GLY A 88 14.02 7.75 2.97
C GLY A 88 13.85 9.19 3.49
N VAL A 89 14.67 9.56 4.46
CA VAL A 89 14.61 10.92 5.01
C VAL A 89 16.03 11.46 5.10
N LEU A 90 16.22 12.61 4.43
CA LEU A 90 17.47 13.33 4.41
C LEU A 90 17.43 14.44 5.47
N VAL A 91 18.48 14.46 6.31
CA VAL A 91 18.68 15.51 7.29
C VAL A 91 20.01 16.18 6.97
N PHE A 92 20.03 17.51 6.85
CA PHE A 92 21.27 18.20 6.60
C PHE A 92 21.27 19.53 7.35
N GLY A 93 22.47 20.11 7.41
CA GLY A 93 22.68 21.41 8.02
C GLY A 93 24.14 21.80 7.88
N PRO A 94 24.46 23.06 8.25
CA PRO A 94 25.87 23.46 8.20
C PRO A 94 26.69 22.62 9.17
N LYS A 95 27.85 22.15 8.72
CA LYS A 95 28.73 21.32 9.51
C LYS A 95 29.14 22.04 10.78
N GLY A 96 28.96 21.38 11.92
CA GLY A 96 29.35 21.92 13.20
C GLY A 96 28.35 22.92 13.76
N GLU A 97 27.25 23.19 13.07
CA GLU A 97 26.35 24.24 13.52
C GLU A 97 24.91 23.77 13.56
N SER A 98 24.65 22.49 13.82
CA SER A 98 23.26 22.06 13.98
C SER A 98 23.20 20.97 15.02
N ALA A 99 22.61 21.29 16.16
CA ALA A 99 22.41 20.35 17.23
C ALA A 99 21.46 19.22 16.78
N PHE A 100 20.47 19.59 15.97
CA PHE A 100 19.50 18.63 15.44
C PHE A 100 20.22 17.57 14.59
N VAL A 101 21.07 18.02 13.68
CA VAL A 101 21.82 17.08 12.85
C VAL A 101 22.73 16.21 13.70
N ALA A 102 23.44 16.84 14.63
CA ALA A 102 24.34 16.11 15.51
C ALA A 102 23.61 15.03 16.32
N GLU A 103 22.43 15.34 16.88
CA GLU A 103 21.71 14.35 17.64
C GLU A 103 21.11 13.28 16.75
N THR A 104 20.79 13.59 15.48
CA THR A 104 20.34 12.57 14.53
C THR A 104 21.47 11.55 14.33
N MET A 105 22.68 12.07 14.15
CA MET A 105 23.85 11.24 13.97
C MET A 105 24.17 10.40 15.22
N GLU A 106 24.04 10.98 16.43
CA GLU A 106 24.25 10.23 17.66
C GLU A 106 23.19 9.16 17.90
N ALA A 107 21.95 9.49 17.56
CA ALA A 107 20.87 8.56 17.67
C ALA A 107 21.13 7.35 16.78
N ALA A 108 21.58 7.58 15.56
CA ALA A 108 21.85 6.49 14.63
C ALA A 108 22.96 5.59 15.15
N LYS A 109 24.01 6.18 15.69
CA LYS A 109 25.11 5.44 16.28
C LYS A 109 24.67 4.61 17.48
N GLU A 110 23.90 5.21 18.39
CA GLU A 110 23.54 4.53 19.63
C GLU A 110 22.58 3.37 19.37
N HIS A 111 21.77 3.43 18.30
CA HIS A 111 20.81 2.38 18.07
C HIS A 111 21.17 1.51 16.86
N SER A 112 22.39 1.69 16.36
CA SER A 112 22.89 0.97 15.21
C SER A 112 21.95 1.02 14.02
N LEU A 113 21.45 2.24 13.71
CA LEU A 113 20.58 2.44 12.56
C LEU A 113 21.42 2.49 11.28
N THR A 114 20.78 2.11 10.18
CA THR A 114 21.38 2.12 8.86
C THR A 114 21.21 3.52 8.24
N VAL A 115 22.32 4.22 8.05
CA VAL A 115 22.35 5.59 7.54
C VAL A 115 23.55 5.77 6.63
N ASP A 116 23.44 6.75 5.72
CA ASP A 116 24.53 7.18 4.88
C ASP A 116 24.94 8.58 5.35
N LEU A 117 26.25 8.87 5.35
CA LEU A 117 26.77 10.18 5.75
C LEU A 117 27.37 10.82 4.51
N LEU A 118 26.99 12.06 4.21
CA LEU A 118 27.44 12.79 3.03
C LEU A 118 27.81 14.22 3.39
N GLU A 119 28.63 14.85 2.52
CA GLU A 119 29.14 16.20 2.74
C GLU A 119 29.06 17.00 1.45
N GLY A 120 28.63 18.27 1.57
CA GLY A 120 28.72 19.23 0.49
C GLY A 120 28.21 18.76 -0.84
N ASP A 121 29.10 18.79 -1.85
CA ASP A 121 28.70 18.53 -3.22
C ASP A 121 28.20 17.10 -3.42
N GLU A 122 28.56 16.18 -2.51
CA GLU A 122 28.04 14.82 -2.57
C GLU A 122 26.51 14.84 -2.46
N ILE A 123 25.98 15.74 -1.65
CA ILE A 123 24.52 15.87 -1.50
C ILE A 123 23.86 16.28 -2.82
N ASN A 124 24.40 17.33 -3.40
CA ASN A 124 23.89 17.88 -4.64
C ASN A 124 24.03 16.86 -5.78
N LYS A 125 25.12 16.07 -5.75
CA LYS A 125 25.34 15.06 -6.78
C LYS A 125 24.35 13.91 -6.66
N ARG A 126 24.06 13.47 -5.44
CA ARG A 126 23.23 12.31 -5.24
C ARG A 126 21.78 12.62 -5.57
N TRP A 127 21.30 13.80 -5.18
CA TRP A 127 19.93 14.20 -5.40
C TRP A 127 19.92 15.47 -6.21
N PRO A 128 19.95 15.33 -7.55
CA PRO A 128 19.72 16.49 -8.39
C PRO A 128 18.47 17.25 -7.96
N GLY A 129 18.60 18.58 -7.85
CA GLY A 129 17.51 19.40 -7.34
C GLY A 129 17.85 20.02 -5.99
N ILE A 130 18.88 19.49 -5.29
CA ILE A 130 19.31 20.05 -4.03
C ILE A 130 20.56 20.88 -4.33
N THR A 131 20.63 22.07 -3.75
CA THR A 131 21.82 22.92 -3.88
C THR A 131 22.21 23.45 -2.51
N VAL A 132 23.02 22.69 -1.77
CA VAL A 132 23.52 23.15 -0.49
C VAL A 132 24.93 23.71 -0.67
N PRO A 133 25.32 24.66 0.20
CA PRO A 133 26.72 25.06 0.29
C PRO A 133 27.66 23.89 0.57
N GLU A 134 28.94 24.05 0.20
CA GLU A 134 29.94 23.00 0.42
C GLU A 134 30.20 22.70 1.88
N ASN A 135 29.86 23.62 2.79
CA ASN A 135 30.12 23.38 4.21
C ASN A 135 28.97 22.65 4.92
N TYR A 136 27.98 22.17 4.19
CA TYR A 136 26.90 21.41 4.81
C TYR A 136 27.24 19.93 4.86
N ASN A 137 26.70 19.26 5.86
CA ASN A 137 26.78 17.81 5.94
C ASN A 137 25.38 17.23 6.07
N ALA A 138 25.30 15.92 5.87
CA ALA A 138 24.02 15.23 5.85
C ALA A 138 24.13 13.83 6.42
N ILE A 139 22.98 13.37 6.92
CA ILE A 139 22.73 12.00 7.26
C ILE A 139 21.42 11.62 6.59
N PHE A 140 21.48 10.51 5.84
CA PHE A 140 20.35 10.02 5.08
C PHE A 140 19.96 8.67 5.65
N GLU A 141 18.67 8.53 5.96
CA GLU A 141 18.11 7.33 6.54
C GLU A 141 17.29 6.65 5.45
N PRO A 142 17.78 5.60 4.77
CA PRO A 142 17.03 5.03 3.66
C PRO A 142 15.73 4.32 3.98
N ASN A 143 15.56 3.81 5.21
CA ASN A 143 14.44 2.93 5.50
C ASN A 143 13.31 3.63 6.24
N SER A 144 13.45 4.94 6.48
CA SER A 144 12.30 5.70 6.98
C SER A 144 11.58 6.34 5.79
N GLY A 145 10.57 7.20 6.00
CA GLY A 145 9.81 7.66 4.85
C GLY A 145 8.57 8.48 5.22
N VAL A 146 7.49 8.21 4.48
CA VAL A 146 6.32 9.05 4.51
C VAL A 146 5.07 8.23 4.76
N LEU A 147 4.25 8.74 5.68
CA LEU A 147 2.96 8.19 6.01
C LEU A 147 1.87 9.04 5.37
N PHE A 148 0.79 8.39 4.97
CA PHE A 148 -0.39 9.06 4.45
C PHE A 148 -1.36 9.19 5.64
N SER A 149 -1.30 10.31 6.37
CA SER A 149 -1.85 10.40 7.71
C SER A 149 -3.38 10.31 7.73
N GLU A 150 -4.06 10.91 6.75
CA GLU A 150 -5.51 10.84 6.70
C GLU A 150 -5.93 9.38 6.46
N ASN A 151 -5.19 8.65 5.60
CA ASN A 151 -5.47 7.25 5.35
C ASN A 151 -5.22 6.42 6.61
N CYS A 152 -4.19 6.75 7.40
CA CYS A 152 -3.92 6.05 8.66
C CYS A 152 -5.11 6.13 9.61
N ILE A 153 -5.63 7.34 9.79
CA ILE A 153 -6.77 7.57 10.67
C ILE A 153 -8.00 6.84 10.14
N ARG A 154 -8.27 6.94 8.82
CA ARG A 154 -9.41 6.28 8.21
C ARG A 154 -9.30 4.77 8.41
N ALA A 155 -8.11 4.20 8.21
CA ALA A 155 -7.93 2.77 8.35
C ALA A 155 -8.17 2.31 9.79
N TYR A 156 -7.57 3.03 10.75
CA TYR A 156 -7.76 2.66 12.14
C TYR A 156 -9.24 2.75 12.53
N ARG A 157 -9.92 3.76 12.01
CA ARG A 157 -11.34 3.94 12.28
C ARG A 157 -12.17 2.77 11.74
N GLU A 158 -11.93 2.40 10.49
CA GLU A 158 -12.71 1.34 9.88
C GLU A 158 -12.46 0.01 10.60
N LEU A 159 -11.20 -0.28 10.95
CA LEU A 159 -10.83 -1.49 11.66
C LEU A 159 -11.42 -1.52 13.07
N ALA A 160 -11.36 -0.39 13.77
CA ALA A 160 -11.94 -0.34 15.10
C ALA A 160 -13.44 -0.55 15.04
N GLU A 161 -14.12 0.11 14.11
CA GLU A 161 -15.57 0.03 14.03
C GLU A 161 -16.01 -1.39 13.68
N ALA A 162 -15.26 -2.09 12.82
CA ALA A 162 -15.60 -3.45 12.45
C ALA A 162 -15.58 -4.37 13.67
N ARG A 163 -14.79 -4.00 14.68
CA ARG A 163 -14.58 -4.78 15.89
C ARG A 163 -15.43 -4.23 17.03
N GLY A 164 -16.35 -3.32 16.71
CA GLY A 164 -17.42 -2.92 17.60
C GLY A 164 -17.20 -1.57 18.31
N ALA A 165 -16.06 -0.87 18.06
CA ALA A 165 -15.91 0.50 18.55
C ALA A 165 -17.03 1.36 17.97
N LYS A 166 -17.55 2.27 18.81
CA LYS A 166 -18.54 3.24 18.35
C LYS A 166 -17.87 4.61 18.23
N VAL A 167 -18.09 5.33 17.10
CA VAL A 167 -17.55 6.66 16.94
C VAL A 167 -18.74 7.65 16.87
N LEU A 168 -18.82 8.52 17.87
CA LEU A 168 -19.81 9.59 17.89
C LEU A 168 -19.18 10.87 17.34
N THR A 169 -19.60 11.26 16.11
CA THR A 169 -19.00 12.36 15.37
C THR A 169 -19.76 13.66 15.63
N HIS A 170 -19.10 14.77 15.27
CA HIS A 170 -19.71 16.09 15.27
C HIS A 170 -20.24 16.43 16.66
N THR A 171 -19.57 15.96 17.69
CA THR A 171 -20.01 16.07 19.06
C THR A 171 -18.86 16.58 19.94
N ARG A 172 -18.97 17.81 20.43
CA ARG A 172 -17.97 18.42 21.28
C ARG A 172 -18.22 18.04 22.73
N VAL A 173 -17.21 17.48 23.35
CA VAL A 173 -17.22 17.30 24.79
C VAL A 173 -17.02 18.69 25.41
N GLU A 174 -17.91 19.02 26.36
CA GLU A 174 -17.92 20.34 26.99
C GLU A 174 -17.46 20.26 28.45
N ASP A 175 -17.61 19.11 29.09
CA ASP A 175 -17.20 18.98 30.49
C ASP A 175 -17.00 17.53 30.86
N PHE A 176 -16.41 17.34 32.04
CA PHE A 176 -16.00 16.06 32.56
C PHE A 176 -16.44 15.95 34.01
N ASP A 177 -16.73 14.74 34.44
CA ASP A 177 -16.98 14.48 35.85
C ASP A 177 -16.31 13.17 36.18
N ILE A 178 -15.25 13.21 37.02
CA ILE A 178 -14.45 12.04 37.33
C ILE A 178 -14.67 11.65 38.79
N SER A 179 -15.01 10.38 38.99
CA SER A 179 -15.15 9.75 40.30
CA SER A 179 -15.10 9.82 40.34
C SER A 179 -14.04 8.73 40.48
N PRO A 180 -13.82 8.19 41.70
CA PRO A 180 -12.87 7.08 41.86
C PRO A 180 -13.15 5.88 40.98
N ASP A 181 -14.44 5.58 40.73
CA ASP A 181 -14.80 4.32 40.07
C ASP A 181 -15.46 4.54 38.71
N SER A 182 -15.56 5.79 38.23
CA SER A 182 -16.14 6.00 36.91
C SER A 182 -15.81 7.38 36.38
N VAL A 183 -15.98 7.55 35.06
CA VAL A 183 -15.78 8.80 34.37
C VAL A 183 -17.05 9.08 33.58
N LYS A 184 -17.34 10.38 33.45
CA LYS A 184 -18.47 10.85 32.67
C LYS A 184 -18.06 12.05 31.83
N ILE A 185 -18.58 12.10 30.59
CA ILE A 185 -18.43 13.23 29.69
C ILE A 185 -19.81 13.84 29.43
N GLU A 186 -19.82 15.16 29.20
CA GLU A 186 -21.02 15.92 28.90
C GLU A 186 -20.86 16.58 27.54
N THR A 187 -21.87 16.39 26.66
CA THR A 187 -21.95 16.95 25.30
C THR A 187 -23.36 17.48 25.01
N ALA A 188 -23.55 18.28 23.94
CA ALA A 188 -24.90 18.74 23.58
C ALA A 188 -25.72 17.59 23.00
N ASN A 189 -25.04 16.50 22.61
CA ASN A 189 -25.76 15.32 22.14
C ASN A 189 -26.00 14.28 23.23
N GLY A 190 -25.67 14.57 24.51
CA GLY A 190 -25.90 13.67 25.62
C GLY A 190 -24.66 13.41 26.45
N SER A 191 -24.85 12.74 27.62
CA SER A 191 -23.76 12.38 28.52
CA SER A 191 -23.72 12.38 28.47
C SER A 191 -23.46 10.88 28.44
N TYR A 192 -22.18 10.48 28.61
CA TYR A 192 -21.79 9.09 28.56
C TYR A 192 -20.86 8.76 29.72
N THR A 193 -20.92 7.51 30.19
CA THR A 193 -20.07 7.04 31.28
C THR A 193 -19.22 5.84 30.85
N ALA A 194 -18.11 5.64 31.59
CA ALA A 194 -17.22 4.55 31.36
C ALA A 194 -16.40 4.27 32.62
N ASP A 195 -15.63 3.19 32.59
CA ASP A 195 -14.67 2.94 33.67
C ASP A 195 -13.41 3.79 33.51
N LYS A 196 -12.98 4.07 32.26
CA LYS A 196 -11.74 4.74 31.99
C LYS A 196 -11.94 5.77 30.90
N LEU A 197 -11.11 6.82 30.97
CA LEU A 197 -11.09 7.90 30.00
C LEU A 197 -9.71 8.06 29.40
N ILE A 198 -9.66 8.26 28.07
CA ILE A 198 -8.46 8.75 27.41
C ILE A 198 -8.79 10.11 26.82
N VAL A 199 -7.94 11.09 27.12
CA VAL A 199 -8.13 12.46 26.67
C VAL A 199 -7.02 12.80 25.68
N SER A 200 -7.45 13.03 24.44
CA SER A 200 -6.56 13.25 23.33
C SER A 200 -7.16 14.28 22.35
N MET A 201 -7.33 15.54 22.82
CA MET A 201 -8.04 16.55 22.05
C MET A 201 -7.13 17.48 21.27
N GLY A 202 -5.88 17.08 21.05
CA GLY A 202 -4.99 17.86 20.20
C GLY A 202 -4.86 19.31 20.70
N ALA A 203 -5.05 20.27 19.79
CA ALA A 203 -4.83 21.68 20.14
C ALA A 203 -5.83 22.11 21.22
N TRP A 204 -6.98 21.43 21.29
CA TRP A 204 -7.98 21.78 22.29
C TRP A 204 -7.61 21.30 23.69
N ASN A 205 -6.56 20.50 23.83
CA ASN A 205 -6.06 20.17 25.15
C ASN A 205 -5.64 21.48 25.87
N SER A 206 -5.22 22.49 25.11
CA SER A 206 -4.75 23.73 25.72
C SER A 206 -5.92 24.51 26.31
N LYS A 207 -7.15 24.23 25.87
CA LYS A 207 -8.32 24.94 26.38
C LYS A 207 -9.13 24.14 27.40
N LEU A 208 -9.17 22.80 27.28
CA LEU A 208 -10.15 22.02 28.04
C LEU A 208 -9.53 21.19 29.15
N LEU A 209 -8.19 21.09 29.26
CA LEU A 209 -7.62 20.30 30.34
C LEU A 209 -7.88 20.97 31.69
N SER A 210 -8.16 22.26 31.68
CA SER A 210 -8.54 22.93 32.92
C SER A 210 -9.81 22.32 33.51
N LYS A 211 -10.67 21.70 32.69
CA LYS A 211 -11.90 21.08 33.17
C LYS A 211 -11.60 19.76 33.87
N LEU A 212 -10.35 19.28 33.81
CA LEU A 212 -9.88 18.17 34.64
C LEU A 212 -8.93 18.64 35.73
N ASN A 213 -8.96 19.95 36.05
CA ASN A 213 -8.18 20.53 37.14
C ASN A 213 -6.68 20.38 36.86
N LEU A 214 -6.29 20.51 35.59
CA LEU A 214 -4.88 20.47 35.22
C LEU A 214 -4.50 21.86 34.74
N ASP A 215 -3.26 22.22 35.07
CA ASP A 215 -2.68 23.48 34.66
C ASP A 215 -1.30 23.19 34.09
N ILE A 216 -1.28 23.04 32.76
CA ILE A 216 -0.06 22.68 32.05
C ILE A 216 0.15 23.69 30.94
N PRO A 217 1.36 24.31 30.85
CA PRO A 217 1.66 25.16 29.72
C PRO A 217 1.59 24.41 28.38
N LEU A 218 0.66 24.83 27.53
CA LEU A 218 0.46 24.25 26.20
C LEU A 218 0.13 25.39 25.25
N GLN A 219 0.89 25.50 24.17
CA GLN A 219 0.66 26.59 23.24
C GLN A 219 0.38 26.05 21.85
N PRO A 220 -0.86 26.22 21.34
CA PRO A 220 -1.14 25.98 19.94
C PRO A 220 -0.48 26.97 19.01
N TYR A 221 0.02 26.44 17.89
CA TYR A 221 0.67 27.21 16.85
C TYR A 221 0.07 26.91 15.49
N ARG A 222 -0.04 27.98 14.68
CA ARG A 222 -0.52 27.92 13.33
C ARG A 222 0.65 27.64 12.41
N GLN A 223 0.57 26.51 11.71
CA GLN A 223 1.68 26.01 10.91
C GLN A 223 1.18 25.71 9.50
N VAL A 224 1.70 26.42 8.52
CA VAL A 224 1.26 26.25 7.15
C VAL A 224 2.22 25.36 6.35
N VAL A 225 1.68 24.78 5.30
CA VAL A 225 2.47 24.06 4.32
C VAL A 225 2.04 24.50 2.94
N GLY A 226 2.92 24.32 1.98
CA GLY A 226 2.59 24.56 0.59
C GLY A 226 3.09 23.49 -0.36
N PHE A 227 2.37 23.33 -1.49
CA PHE A 227 2.70 22.41 -2.56
C PHE A 227 3.03 23.24 -3.78
N PHE A 228 4.19 22.95 -4.40
CA PHE A 228 4.72 23.83 -5.41
C PHE A 228 4.97 23.03 -6.69
N GLU A 229 4.65 23.65 -7.81
CA GLU A 229 4.98 23.05 -9.10
CA GLU A 229 4.98 23.07 -9.10
C GLU A 229 6.50 22.89 -9.18
N SER A 230 6.93 21.70 -9.55
CA SER A 230 8.31 21.32 -9.45
C SER A 230 8.78 20.61 -10.71
N ASP A 231 10.09 20.60 -10.94
CA ASP A 231 10.69 19.75 -11.95
C ASP A 231 10.55 18.27 -11.57
N GLU A 232 9.61 17.58 -12.24
CA GLU A 232 9.31 16.20 -11.88
C GLU A 232 10.47 15.24 -12.16
N SER A 233 11.42 15.60 -13.06
CA SER A 233 12.59 14.78 -13.30
C SER A 233 13.60 14.81 -12.14
N LYS A 234 13.39 15.71 -11.17
CA LYS A 234 14.28 15.82 -10.02
C LYS A 234 13.54 15.52 -8.72
N TYR A 235 12.30 16.01 -8.58
CA TYR A 235 11.69 16.05 -7.25
C TYR A 235 10.60 15.00 -7.07
N SER A 236 10.35 14.17 -8.07
CA SER A 236 9.32 13.13 -7.96
C SER A 236 9.80 12.02 -6.99
N ASN A 237 8.84 11.43 -6.29
CA ASN A 237 9.06 10.17 -5.56
C ASN A 237 9.51 9.08 -6.54
N ASP A 238 9.08 9.19 -7.81
CA ASP A 238 9.41 8.15 -8.79
C ASP A 238 10.90 8.12 -9.13
N ILE A 239 11.63 9.24 -8.94
CA ILE A 239 13.07 9.28 -9.17
C ILE A 239 13.80 9.36 -7.81
N ASP A 240 13.15 8.91 -6.72
CA ASP A 240 13.76 8.67 -5.41
C ASP A 240 14.22 9.99 -4.75
N PHE A 241 13.54 11.12 -5.04
CA PHE A 241 13.73 12.31 -4.22
C PHE A 241 13.22 11.99 -2.82
N PRO A 242 13.96 12.32 -1.74
CA PRO A 242 13.59 11.91 -0.39
C PRO A 242 12.66 12.88 0.31
N GLY A 243 12.06 12.43 1.39
CA GLY A 243 11.56 13.33 2.42
C GLY A 243 12.76 13.95 3.13
N PHE A 244 12.53 15.09 3.79
CA PHE A 244 13.64 15.82 4.37
C PHE A 244 13.21 16.68 5.55
N MET A 245 14.15 16.84 6.46
CA MET A 245 14.00 17.69 7.64
C MET A 245 15.40 18.28 7.87
N VAL A 246 15.53 19.61 7.68
CA VAL A 246 16.87 20.19 7.59
C VAL A 246 16.98 21.48 8.42
N GLU A 247 18.23 21.74 8.86
CA GLU A 247 18.50 22.95 9.64
C GLU A 247 19.36 23.92 8.83
N VAL A 248 18.85 25.14 8.69
CA VAL A 248 19.55 26.22 8.00
C VAL A 248 19.67 27.36 9.02
N PRO A 249 20.48 28.40 8.76
CA PRO A 249 20.72 29.44 9.76
C PRO A 249 19.47 30.03 10.39
N ASN A 250 18.38 30.11 9.60
CA ASN A 250 17.12 30.69 10.08
C ASN A 250 16.06 29.67 10.51
N GLY A 251 16.45 28.42 10.74
CA GLY A 251 15.60 27.47 11.44
C GLY A 251 15.50 26.16 10.69
N ILE A 252 14.42 25.43 10.94
CA ILE A 252 14.24 24.07 10.44
C ILE A 252 13.10 24.05 9.44
N TYR A 253 13.33 23.45 8.29
CA TYR A 253 12.35 23.26 7.24
C TYR A 253 12.20 21.76 6.97
N TYR A 254 11.04 21.37 6.44
CA TYR A 254 10.82 19.95 6.17
C TYR A 254 9.99 19.83 4.90
N GLY A 255 10.07 18.68 4.23
CA GLY A 255 9.28 18.54 3.03
C GLY A 255 9.27 17.13 2.47
N PHE A 256 8.61 17.03 1.32
CA PHE A 256 8.20 15.75 0.76
C PHE A 256 8.39 15.78 -0.74
N PRO A 257 8.79 14.66 -1.36
CA PRO A 257 8.81 14.59 -2.81
C PRO A 257 7.40 14.75 -3.37
N SER A 258 7.32 15.09 -4.67
CA SER A 258 6.06 15.11 -5.38
C SER A 258 5.59 13.66 -5.57
N PHE A 259 4.37 13.40 -5.19
CA PHE A 259 3.71 12.12 -5.44
C PHE A 259 2.63 12.29 -6.51
N GLY A 260 2.80 11.60 -7.63
CA GLY A 260 1.78 11.63 -8.68
C GLY A 260 1.56 13.03 -9.24
N GLY A 261 2.62 13.86 -9.22
CA GLY A 261 2.55 15.23 -9.72
C GLY A 261 1.88 16.24 -8.79
N CYS A 262 1.69 15.93 -7.50
CA CYS A 262 1.10 16.89 -6.56
C CYS A 262 2.01 18.10 -6.31
N GLY A 263 3.31 17.99 -6.63
CA GLY A 263 4.26 19.03 -6.30
C GLY A 263 5.00 18.75 -4.98
N LEU A 264 6.22 19.26 -4.89
CA LEU A 264 6.96 19.22 -3.65
C LEU A 264 6.18 19.99 -2.60
N LYS A 265 6.08 19.39 -1.41
CA LYS A 265 5.47 20.00 -0.27
C LYS A 265 6.52 20.44 0.75
N LEU A 266 6.40 21.68 1.27
CA LEU A 266 7.34 22.30 2.19
C LEU A 266 6.61 22.96 3.36
N GLY A 267 7.18 22.82 4.56
CA GLY A 267 6.81 23.57 5.75
C GLY A 267 8.02 24.19 6.43
N TYR A 268 7.77 25.24 7.23
CA TYR A 268 8.74 25.84 8.12
C TYR A 268 8.33 25.45 9.52
N HIS A 269 9.20 24.74 10.20
CA HIS A 269 8.88 24.07 11.46
C HIS A 269 9.05 24.98 12.68
N THR A 270 10.12 25.77 12.72
CA THR A 270 10.48 26.47 13.94
C THR A 270 9.79 27.83 14.11
N PHE A 271 9.00 28.27 13.14
CA PHE A 271 8.15 29.46 13.25
C PHE A 271 6.69 29.14 12.93
N GLY A 272 5.79 29.73 13.72
CA GLY A 272 4.38 29.80 13.42
C GLY A 272 3.72 30.85 14.30
N GLN A 273 2.44 31.15 14.04
CA GLN A 273 1.73 32.11 14.90
C GLN A 273 1.15 31.42 16.13
N LYS A 274 1.27 32.05 17.30
CA LYS A 274 0.56 31.61 18.50
C LYS A 274 -0.93 31.86 18.29
N ILE A 275 -1.76 30.82 18.42
CA ILE A 275 -3.18 30.93 18.12
C ILE A 275 -3.97 30.19 19.18
N ASP A 276 -5.30 30.39 19.09
CA ASP A 276 -6.31 29.66 19.85
C ASP A 276 -7.06 28.80 18.84
N PRO A 277 -7.28 27.49 19.06
CA PRO A 277 -7.83 26.65 18.00
C PRO A 277 -9.24 27.02 17.55
N ASP A 278 -9.93 27.80 18.37
CA ASP A 278 -11.28 28.21 18.01
C ASP A 278 -11.25 29.48 17.18
N THR A 279 -10.14 30.21 17.11
CA THR A 279 -10.15 31.46 16.36
C THR A 279 -9.08 31.52 15.27
N ILE A 280 -8.28 30.47 15.11
CA ILE A 280 -7.27 30.40 14.07
C ILE A 280 -7.87 30.69 12.70
N ASN A 281 -7.12 31.43 11.88
CA ASN A 281 -7.47 31.66 10.50
C ASN A 281 -6.90 30.54 9.63
N ARG A 282 -7.78 29.71 9.10
CA ARG A 282 -7.37 28.48 8.43
CA ARG A 282 -7.42 28.47 8.42
C ARG A 282 -7.18 28.71 6.93
N GLU A 283 -7.11 29.98 6.50
CA GLU A 283 -6.83 30.30 5.09
C GLU A 283 -5.32 30.51 4.89
N PHE A 284 -4.77 29.78 3.92
CA PHE A 284 -3.36 29.92 3.58
C PHE A 284 -3.20 31.25 2.85
N GLY A 285 -2.18 32.02 3.22
CA GLY A 285 -1.78 33.20 2.47
C GLY A 285 -2.28 34.49 3.08
N VAL A 286 -2.94 34.41 4.25
CA VAL A 286 -3.51 35.62 4.84
C VAL A 286 -2.43 36.45 5.51
N TYR A 287 -1.28 35.82 5.79
CA TYR A 287 -0.12 36.50 6.33
C TYR A 287 0.97 36.39 5.28
N PRO A 288 1.83 37.41 5.05
CA PRO A 288 2.82 37.33 3.99
C PRO A 288 3.84 36.24 4.23
N GLU A 289 4.02 35.91 5.52
CA GLU A 289 4.99 34.91 5.95
C GLU A 289 4.65 33.55 5.34
N ASP A 290 3.36 33.28 5.16
CA ASP A 290 2.92 31.93 4.78
C ASP A 290 3.66 31.43 3.55
N GLU A 291 3.60 32.18 2.44
CA GLU A 291 4.30 31.81 1.22
C GLU A 291 5.76 32.25 1.28
N SER A 292 6.05 33.43 1.85
CA SER A 292 7.41 33.97 1.70
C SER A 292 8.46 33.14 2.44
N ASN A 293 8.13 32.62 3.62
CA ASN A 293 9.08 31.84 4.36
C ASN A 293 9.42 30.57 3.57
N LEU A 294 8.44 30.05 2.81
CA LEU A 294 8.68 28.82 2.04
C LEU A 294 9.55 29.10 0.83
N ARG A 295 9.20 30.12 0.02
CA ARG A 295 10.01 30.45 -1.13
C ARG A 295 11.43 30.86 -0.76
N ALA A 296 11.65 31.44 0.43
CA ALA A 296 12.99 31.82 0.87
C ALA A 296 13.89 30.57 0.92
N PHE A 297 13.33 29.43 1.38
CA PHE A 297 14.09 28.20 1.40
C PHE A 297 14.24 27.64 -0.02
N LEU A 298 13.15 27.56 -0.77
CA LEU A 298 13.19 26.90 -2.08
C LEU A 298 14.17 27.55 -3.02
N GLU A 299 14.15 28.91 -3.07
CA GLU A 299 15.02 29.57 -4.02
C GLU A 299 16.50 29.36 -3.70
N GLU A 300 16.86 29.09 -2.43
CA GLU A 300 18.24 28.89 -2.03
C GLU A 300 18.68 27.43 -2.15
N TYR A 301 17.81 26.48 -1.75
CA TYR A 301 18.25 25.11 -1.54
C TYR A 301 17.60 24.10 -2.48
N MET A 302 16.45 24.43 -3.10
CA MET A 302 15.74 23.51 -3.99
C MET A 302 15.10 24.28 -5.14
N PRO A 303 15.92 24.94 -5.97
CA PRO A 303 15.45 25.99 -6.86
C PRO A 303 14.54 25.53 -8.00
N GLY A 304 14.55 24.24 -8.30
CA GLY A 304 13.69 23.67 -9.33
C GLY A 304 12.29 23.31 -8.81
N ALA A 305 12.09 23.45 -7.48
CA ALA A 305 10.80 23.20 -6.85
C ALA A 305 10.12 24.49 -6.40
N ASN A 306 10.42 25.61 -7.06
CA ASN A 306 9.95 26.91 -6.61
C ASN A 306 9.00 27.50 -7.67
N GLY A 307 8.08 26.68 -8.20
CA GLY A 307 7.14 27.12 -9.22
C GLY A 307 5.88 27.66 -8.60
N GLU A 308 4.80 27.67 -9.36
CA GLU A 308 3.52 28.14 -8.87
C GLU A 308 3.07 27.33 -7.65
N LEU A 309 2.43 28.02 -6.71
CA LEU A 309 1.78 27.44 -5.55
C LEU A 309 0.53 26.73 -6.03
N LYS A 310 0.52 25.42 -5.87
CA LYS A 310 -0.57 24.58 -6.32
C LYS A 310 -1.64 24.49 -5.25
N ARG A 311 -1.21 24.48 -3.98
CA ARG A 311 -2.10 24.23 -2.86
C ARG A 311 -1.41 24.70 -1.59
N GLY A 312 -2.19 25.23 -0.65
CA GLY A 312 -1.73 25.54 0.69
C GLY A 312 -2.64 24.88 1.72
N ALA A 313 -2.11 24.61 2.92
CA ALA A 313 -2.91 24.11 4.00
C ALA A 313 -2.47 24.77 5.30
N VAL A 314 -3.40 24.88 6.24
CA VAL A 314 -3.12 25.42 7.55
C VAL A 314 -3.45 24.36 8.61
N CYS A 315 -2.50 24.10 9.50
CA CYS A 315 -2.56 23.01 10.47
C CYS A 315 -2.08 23.55 11.80
N MET A 316 -2.23 22.79 12.91
CA MET A 316 -1.85 23.23 14.23
C MET A 316 -0.82 22.29 14.89
N TYR A 317 0.18 22.87 15.55
CA TYR A 317 0.99 22.19 16.54
C TYR A 317 0.49 22.55 17.94
N THR A 318 0.73 21.69 18.94
CA THR A 318 0.50 22.04 20.34
C THR A 318 1.81 21.81 21.10
N LYS A 319 2.49 22.90 21.49
CA LYS A 319 3.83 22.78 22.08
C LYS A 319 3.83 22.82 23.61
N THR A 320 4.65 21.95 24.19
CA THR A 320 5.06 22.00 25.57
C THR A 320 6.31 22.86 25.69
N LEU A 321 6.67 23.19 26.92
CA LEU A 321 7.85 24.04 27.13
C LEU A 321 9.13 23.37 26.64
N ASP A 322 9.23 22.03 26.77
CA ASP A 322 10.44 21.29 26.41
C ASP A 322 10.29 20.58 25.06
N GLU A 323 9.12 20.70 24.46
CA GLU A 323 8.78 20.09 23.18
C GLU A 323 8.83 18.57 23.21
N HIS A 324 8.73 17.99 24.40
CA HIS A 324 8.47 16.57 24.53
C HIS A 324 7.02 16.33 24.86
N PHE A 325 6.53 15.11 24.57
CA PHE A 325 5.11 14.83 24.69
C PHE A 325 4.68 14.71 26.14
N ILE A 326 3.37 14.64 26.36
CA ILE A 326 2.78 14.26 27.61
C ILE A 326 1.95 13.00 27.37
N ILE A 327 2.34 11.91 28.03
CA ILE A 327 1.65 10.65 27.91
C ILE A 327 1.69 10.02 29.28
N ASP A 328 0.59 10.11 29.99
CA ASP A 328 0.64 9.71 31.39
C ASP A 328 -0.77 9.57 31.94
N LEU A 329 -0.85 9.00 33.15
CA LEU A 329 -2.07 9.08 33.94
C LEU A 329 -2.21 10.48 34.54
N HIS A 330 -3.46 10.92 34.72
CA HIS A 330 -3.75 12.13 35.47
C HIS A 330 -3.24 11.95 36.91
N PRO A 331 -2.51 12.93 37.44
CA PRO A 331 -1.88 12.77 38.75
C PRO A 331 -2.86 12.50 39.89
N GLU A 332 -4.13 12.91 39.73
CA GLU A 332 -5.17 12.74 40.76
CA GLU A 332 -5.11 12.69 40.79
C GLU A 332 -6.16 11.63 40.42
N HIS A 333 -6.10 11.06 39.21
CA HIS A 333 -7.14 10.14 38.76
C HIS A 333 -6.52 9.06 37.88
N SER A 334 -6.30 7.88 38.46
CA SER A 334 -5.59 6.84 37.75
C SER A 334 -6.46 6.26 36.62
N ASN A 335 -7.76 6.64 36.58
CA ASN A 335 -8.67 6.12 35.56
C ASN A 335 -8.77 7.11 34.40
N VAL A 336 -7.88 8.10 34.39
CA VAL A 336 -7.84 9.10 33.32
C VAL A 336 -6.44 9.11 32.72
N VAL A 337 -6.35 8.95 31.39
CA VAL A 337 -5.10 8.98 30.66
C VAL A 337 -5.06 10.25 29.79
N ILE A 338 -3.91 10.92 29.77
CA ILE A 338 -3.71 12.18 29.04
C ILE A 338 -2.69 11.96 27.93
N ALA A 339 -3.02 12.37 26.70
CA ALA A 339 -2.09 12.39 25.57
C ALA A 339 -2.10 13.78 24.96
N ALA A 340 -1.03 14.55 25.17
CA ALA A 340 -1.05 15.96 24.80
C ALA A 340 0.33 16.46 24.41
N GLY A 341 0.37 17.59 23.74
CA GLY A 341 1.61 18.34 23.64
C GLY A 341 2.61 17.75 22.64
N PHE A 342 2.11 17.28 21.49
CA PHE A 342 2.95 16.55 20.56
C PHE A 342 3.88 17.44 19.75
N SER A 343 3.80 18.76 19.94
CA SER A 343 4.88 19.68 19.61
C SER A 343 5.36 19.61 18.15
N GLY A 344 4.45 19.29 17.23
CA GLY A 344 4.73 19.27 15.81
C GLY A 344 5.49 18.04 15.35
N HIS A 345 5.59 16.97 16.16
CA HIS A 345 6.40 15.83 15.73
C HIS A 345 5.83 14.51 16.25
N GLY A 346 4.52 14.47 16.51
CA GLY A 346 3.94 13.26 17.07
C GLY A 346 3.34 12.27 16.07
N PHE A 347 2.99 12.65 14.81
CA PHE A 347 2.15 11.73 14.03
C PHE A 347 2.85 10.38 13.83
N LYS A 348 4.13 10.39 13.53
CA LYS A 348 4.87 9.18 13.22
C LYS A 348 4.78 8.17 14.35
N PHE A 349 4.56 8.64 15.60
CA PHE A 349 4.46 7.76 16.75
C PHE A 349 3.04 7.34 17.11
N SER A 350 2.03 7.83 16.38
CA SER A 350 0.66 7.64 16.78
C SER A 350 0.29 6.16 16.89
N SER A 351 0.83 5.32 16.01
CA SER A 351 0.61 3.87 16.12
C SER A 351 1.14 3.36 17.47
N GLY A 352 2.40 3.68 17.80
CA GLY A 352 2.95 3.16 19.06
C GLY A 352 2.31 3.82 20.27
N VAL A 353 1.92 5.10 20.18
CA VAL A 353 1.24 5.77 21.27
C VAL A 353 -0.12 5.14 21.51
N GLY A 354 -0.83 4.79 20.44
CA GLY A 354 -2.10 4.10 20.63
C GLY A 354 -1.93 2.89 21.55
N GLU A 355 -0.88 2.10 21.31
CA GLU A 355 -0.62 0.94 22.14
C GLU A 355 -0.38 1.37 23.58
N VAL A 356 0.47 2.36 23.81
CA VAL A 356 0.77 2.84 25.17
C VAL A 356 -0.51 3.30 25.86
N LEU A 357 -1.35 4.09 25.17
CA LEU A 357 -2.58 4.60 25.79
C LEU A 357 -3.51 3.45 26.20
N SER A 358 -3.61 2.43 25.34
CA SER A 358 -4.45 1.29 25.63
CA SER A 358 -4.44 1.26 25.62
C SER A 358 -3.92 0.58 26.88
N GLN A 359 -2.60 0.40 26.97
CA GLN A 359 -2.02 -0.21 28.17
C GLN A 359 -2.36 0.60 29.42
N LEU A 360 -2.14 1.92 29.36
CA LEU A 360 -2.38 2.79 30.50
C LEU A 360 -3.83 2.75 30.91
N ALA A 361 -4.74 2.77 29.94
CA ALA A 361 -6.18 2.72 30.25
C ALA A 361 -6.56 1.42 30.93
N LEU A 362 -6.06 0.29 30.41
CA LEU A 362 -6.47 -1.04 30.86
C LEU A 362 -5.77 -1.45 32.16
N THR A 363 -4.53 -1.01 32.38
CA THR A 363 -3.72 -1.58 33.45
C THR A 363 -3.13 -0.54 34.38
N GLY A 364 -3.09 0.74 33.97
CA GLY A 364 -2.43 1.77 34.73
C GLY A 364 -0.91 1.75 34.59
N LYS A 365 -0.37 0.88 33.72
CA LYS A 365 1.05 0.74 33.52
C LYS A 365 1.32 0.56 32.03
N THR A 366 2.61 0.57 31.67
CA THR A 366 3.08 0.31 30.32
C THR A 366 4.24 -0.67 30.40
N GLU A 367 4.58 -1.31 29.27
CA GLU A 367 5.60 -2.34 29.27
C GLU A 367 7.01 -1.76 29.43
N HIS A 368 7.24 -0.60 28.83
CA HIS A 368 8.52 0.07 28.93
C HIS A 368 8.33 1.43 29.57
N ASP A 369 9.43 1.93 30.15
CA ASP A 369 9.47 3.24 30.73
C ASP A 369 9.07 4.31 29.70
N ILE A 370 8.20 5.24 30.11
CA ILE A 370 7.79 6.39 29.30
C ILE A 370 7.97 7.68 30.12
N SER A 371 8.95 7.65 31.04
CA SER A 371 9.15 8.71 31.99
C SER A 371 9.54 10.03 31.31
N ILE A 372 10.10 9.99 30.09
CA ILE A 372 10.41 11.21 29.35
C ILE A 372 9.15 12.01 29.03
N PHE A 373 7.98 11.36 29.10
CA PHE A 373 6.71 12.01 28.79
C PHE A 373 5.84 12.21 30.02
N SER A 374 6.47 12.16 31.21
CA SER A 374 5.73 12.30 32.44
C SER A 374 5.07 13.67 32.58
N ILE A 375 3.87 13.65 33.14
CA ILE A 375 3.07 14.86 33.32
C ILE A 375 3.58 15.63 34.54
N ASN A 376 4.44 14.98 35.34
CA ASN A 376 4.96 15.49 36.60
C ASN A 376 6.35 16.06 36.44
N ARG A 377 6.95 15.98 35.23
CA ARG A 377 8.35 16.33 35.05
C ARG A 377 8.56 17.83 35.26
N PRO A 378 9.73 18.23 35.84
CA PRO A 378 9.96 19.64 36.11
C PRO A 378 9.89 20.54 34.88
N ALA A 379 10.39 20.08 33.71
CA ALA A 379 10.55 20.96 32.56
C ALA A 379 9.21 21.34 31.93
N LEU A 380 8.10 20.73 32.40
CA LEU A 380 6.78 21.06 31.87
C LEU A 380 6.29 22.42 32.35
N LYS A 381 6.83 22.91 33.48
CA LYS A 381 6.20 23.96 34.29
C LYS A 381 6.91 25.32 34.14
N THR B 2 15.43 4.46 -34.66
CA THR B 2 15.89 4.60 -33.25
C THR B 2 16.19 3.23 -32.68
N HIS B 3 17.41 3.10 -32.12
CA HIS B 3 17.87 1.82 -31.64
C HIS B 3 17.69 1.81 -30.13
N PHE B 4 17.14 0.71 -29.59
CA PHE B 4 17.04 0.48 -28.16
C PHE B 4 17.87 -0.71 -27.78
N ASP B 5 18.13 -0.89 -26.48
CA ASP B 5 18.82 -2.08 -26.02
C ASP B 5 17.81 -3.24 -26.08
N VAL B 6 16.60 -2.99 -25.54
CA VAL B 6 15.56 -4.02 -25.51
C VAL B 6 14.22 -3.42 -25.92
N ILE B 7 13.44 -4.15 -26.73
CA ILE B 7 12.06 -3.80 -27.04
C ILE B 7 11.14 -4.83 -26.37
N VAL B 8 10.13 -4.32 -25.67
CA VAL B 8 9.10 -5.15 -25.09
C VAL B 8 7.80 -4.94 -25.87
N VAL B 9 7.22 -6.01 -26.41
CA VAL B 9 5.98 -5.92 -27.16
C VAL B 9 4.86 -6.49 -26.31
N GLY B 10 3.99 -5.59 -25.88
CA GLY B 10 2.92 -5.90 -24.95
C GLY B 10 3.37 -5.46 -23.56
N ALA B 11 2.92 -4.28 -23.13
CA ALA B 11 3.36 -3.67 -21.89
C ALA B 11 2.24 -3.79 -20.86
N GLY B 12 1.79 -5.01 -20.64
CA GLY B 12 0.79 -5.29 -19.64
C GLY B 12 1.44 -5.87 -18.38
N SER B 13 0.84 -6.92 -17.87
CA SER B 13 1.22 -7.49 -16.59
C SER B 13 2.70 -7.86 -16.61
N MET B 14 3.05 -8.68 -17.59
CA MET B 14 4.42 -9.20 -17.67
C MET B 14 5.35 -8.15 -18.25
N GLY B 15 4.92 -7.53 -19.35
CA GLY B 15 5.79 -6.60 -20.07
C GLY B 15 6.19 -5.39 -19.25
N MET B 16 5.23 -4.82 -18.52
CA MET B 16 5.57 -3.63 -17.75
C MET B 16 6.49 -3.93 -16.58
N ALA B 17 6.29 -5.09 -15.95
CA ALA B 17 7.20 -5.56 -14.92
C ALA B 17 8.61 -5.74 -15.50
N ALA B 18 8.73 -6.31 -16.69
CA ALA B 18 10.04 -6.47 -17.32
C ALA B 18 10.68 -5.12 -17.64
N GLY B 19 9.87 -4.20 -18.14
CA GLY B 19 10.33 -2.85 -18.43
C GLY B 19 10.89 -2.14 -17.21
N TYR B 20 10.23 -2.28 -16.06
CA TYR B 20 10.76 -1.75 -14.82
C TYR B 20 12.11 -2.38 -14.46
N GLN B 21 12.20 -3.72 -14.52
CA GLN B 21 13.41 -4.42 -14.18
C GLN B 21 14.57 -3.94 -15.08
N LEU B 22 14.30 -3.79 -16.37
CA LEU B 22 15.34 -3.35 -17.30
C LEU B 22 15.75 -1.90 -17.07
N ALA B 23 14.79 -1.00 -16.93
CA ALA B 23 15.06 0.42 -16.70
C ALA B 23 15.87 0.62 -15.42
N LYS B 24 15.56 -0.16 -14.37
CA LYS B 24 16.24 -0.08 -13.09
C LYS B 24 17.73 -0.34 -13.28
N GLN B 25 18.10 -1.06 -14.35
CA GLN B 25 19.51 -1.37 -14.61
C GLN B 25 20.14 -0.49 -15.66
N GLY B 26 19.48 0.61 -16.02
CA GLY B 26 20.01 1.52 -17.02
C GLY B 26 19.97 0.95 -18.42
N VAL B 27 19.07 0.00 -18.69
CA VAL B 27 18.95 -0.54 -20.03
C VAL B 27 17.98 0.33 -20.82
N LYS B 28 18.38 0.78 -22.00
CA LYS B 28 17.52 1.62 -22.80
C LYS B 28 16.39 0.76 -23.39
N THR B 29 15.16 0.98 -22.90
CA THR B 29 14.04 0.10 -23.19
C THR B 29 12.91 0.87 -23.88
N LEU B 30 12.30 0.26 -24.89
CA LEU B 30 11.07 0.69 -25.47
C LEU B 30 9.99 -0.34 -25.18
N LEU B 31 8.86 0.13 -24.64
CA LEU B 31 7.70 -0.71 -24.42
C LEU B 31 6.58 -0.25 -25.35
N VAL B 32 5.98 -1.21 -26.06
CA VAL B 32 5.00 -0.93 -27.10
C VAL B 32 3.71 -1.62 -26.70
N ASP B 33 2.61 -0.87 -26.66
CA ASP B 33 1.31 -1.44 -26.32
C ASP B 33 0.22 -0.97 -27.27
N ALA B 34 -0.70 -1.92 -27.59
CA ALA B 34 -1.84 -1.68 -28.46
C ALA B 34 -2.83 -0.69 -27.88
N PHE B 35 -2.84 -0.57 -26.54
CA PHE B 35 -3.73 0.34 -25.83
C PHE B 35 -2.89 1.29 -24.95
N ASP B 36 -3.43 1.70 -23.79
CA ASP B 36 -2.72 2.61 -22.91
C ASP B 36 -2.71 2.08 -21.49
N PRO B 37 -1.71 1.28 -21.10
CA PRO B 37 -1.83 0.48 -19.87
C PRO B 37 -1.65 1.26 -18.58
N PRO B 38 -2.35 0.89 -17.50
CA PRO B 38 -3.35 -0.19 -17.49
C PRO B 38 -4.68 0.14 -18.15
N HIS B 39 -5.30 -0.86 -18.77
CA HIS B 39 -6.52 -0.66 -19.53
C HIS B 39 -7.47 -1.82 -19.28
N THR B 40 -8.68 -1.79 -19.90
CA THR B 40 -9.71 -2.79 -19.69
C THR B 40 -9.89 -3.70 -20.90
N ASN B 41 -8.90 -3.79 -21.79
CA ASN B 41 -9.05 -4.59 -23.00
C ASN B 41 -8.25 -5.88 -22.99
N GLY B 42 -7.43 -6.09 -21.94
CA GLY B 42 -6.58 -7.25 -21.84
C GLY B 42 -6.98 -8.16 -20.68
N SER B 43 -5.96 -8.58 -19.91
CA SER B 43 -6.15 -9.59 -18.87
C SER B 43 -5.89 -9.04 -17.47
N HIS B 44 -5.69 -7.73 -17.29
CA HIS B 44 -5.22 -7.19 -16.01
C HIS B 44 -6.20 -6.30 -15.21
N HIS B 45 -7.42 -6.07 -15.70
CA HIS B 45 -8.36 -5.16 -15.03
C HIS B 45 -9.33 -5.90 -14.13
N GLY B 46 -10.24 -5.15 -13.52
CA GLY B 46 -11.14 -5.73 -12.52
C GLY B 46 -10.59 -5.51 -11.11
N ASP B 47 -9.60 -4.62 -10.96
CA ASP B 47 -9.08 -4.04 -9.73
C ASP B 47 -8.10 -4.97 -8.99
N THR B 48 -8.51 -6.21 -8.74
CA THR B 48 -7.89 -7.06 -7.74
C THR B 48 -7.52 -8.43 -8.31
N ARG B 49 -6.42 -8.98 -7.74
CA ARG B 49 -5.85 -10.26 -8.10
C ARG B 49 -5.41 -10.97 -6.83
N ILE B 50 -5.69 -12.24 -6.72
CA ILE B 50 -5.22 -13.06 -5.62
CA ILE B 50 -5.23 -13.10 -5.63
C ILE B 50 -3.74 -13.40 -5.82
N ILE B 51 -2.99 -13.41 -4.72
CA ILE B 51 -1.69 -14.08 -4.70
C ILE B 51 -1.75 -15.15 -3.62
N ARG B 52 -1.44 -16.39 -4.02
CA ARG B 52 -1.29 -17.54 -3.14
C ARG B 52 0.18 -17.95 -3.14
N HIS B 53 0.64 -18.60 -2.07
CA HIS B 53 1.98 -19.18 -2.08
C HIS B 53 1.88 -20.71 -2.18
N ALA B 54 1.20 -21.38 -1.24
CA ALA B 54 0.86 -22.80 -1.36
C ALA B 54 -0.01 -22.94 -2.59
N TYR B 55 0.42 -23.80 -3.52
CA TYR B 55 -0.06 -23.65 -4.90
C TYR B 55 -0.65 -24.95 -5.42
N GLY B 56 -1.99 -24.99 -5.48
CA GLY B 56 -2.71 -26.16 -5.91
C GLY B 56 -2.46 -26.59 -7.36
N GLU B 57 -2.07 -25.66 -8.23
CA GLU B 57 -1.73 -25.98 -9.61
C GLU B 57 -0.41 -26.75 -9.71
N GLY B 58 0.37 -26.73 -8.62
CA GLY B 58 1.61 -27.48 -8.56
C GLY B 58 2.61 -26.86 -7.60
N ARG B 59 3.13 -27.70 -6.67
CA ARG B 59 4.08 -27.26 -5.67
C ARG B 59 5.32 -26.61 -6.28
N GLU B 60 5.63 -26.92 -7.55
CA GLU B 60 6.84 -26.42 -8.17
CA GLU B 60 6.78 -26.44 -8.28
C GLU B 60 6.73 -24.92 -8.48
N TYR B 61 5.54 -24.33 -8.34
CA TYR B 61 5.38 -22.87 -8.46
C TYR B 61 5.78 -22.12 -7.19
N VAL B 62 5.93 -22.80 -6.06
CA VAL B 62 6.00 -22.11 -4.78
C VAL B 62 7.19 -21.15 -4.76
N PRO B 63 8.41 -21.54 -5.19
CA PRO B 63 9.50 -20.59 -5.10
C PRO B 63 9.30 -19.29 -5.88
N LEU B 64 8.72 -19.37 -7.08
CA LEU B 64 8.43 -18.18 -7.86
C LEU B 64 7.32 -17.36 -7.16
N ALA B 65 6.35 -18.01 -6.53
CA ALA B 65 5.33 -17.27 -5.80
C ALA B 65 5.94 -16.49 -4.62
N LEU B 66 6.83 -17.15 -3.87
CA LEU B 66 7.49 -16.49 -2.74
C LEU B 66 8.38 -15.33 -3.20
N ARG B 67 9.16 -15.49 -4.28
CA ARG B 67 9.98 -14.43 -4.82
C ARG B 67 9.11 -13.26 -5.28
N SER B 68 7.98 -13.60 -5.91
CA SER B 68 7.06 -12.58 -6.41
C SER B 68 6.51 -11.79 -5.23
N GLN B 69 6.16 -12.47 -4.13
CA GLN B 69 5.64 -11.77 -2.96
C GLN B 69 6.69 -10.79 -2.40
N GLU B 70 7.97 -11.20 -2.35
CA GLU B 70 9.05 -10.30 -1.90
C GLU B 70 9.12 -9.04 -2.78
N LEU B 71 9.05 -9.23 -4.11
CA LEU B 71 9.05 -8.14 -5.06
C LEU B 71 7.82 -7.24 -4.90
N TRP B 72 6.65 -7.78 -4.59
CA TRP B 72 5.48 -6.94 -4.38
C TRP B 72 5.66 -6.05 -3.14
N TYR B 73 6.27 -6.62 -2.08
CA TYR B 73 6.54 -5.80 -0.91
C TYR B 73 7.52 -4.68 -1.27
N GLU B 74 8.52 -4.98 -2.11
CA GLU B 74 9.44 -3.95 -2.56
C GLU B 74 8.71 -2.86 -3.32
N LEU B 75 7.77 -3.24 -4.18
CA LEU B 75 7.05 -2.28 -4.99
C LEU B 75 6.19 -1.40 -4.09
N GLU B 76 5.55 -1.97 -3.08
CA GLU B 76 4.71 -1.24 -2.13
C GLU B 76 5.54 -0.09 -1.49
N LYS B 77 6.81 -0.37 -1.16
CA LYS B 77 7.67 0.62 -0.52
C LYS B 77 8.11 1.71 -1.49
N GLU B 78 8.13 1.45 -2.80
CA GLU B 78 8.68 2.36 -3.80
CA GLU B 78 8.67 2.38 -3.78
C GLU B 78 7.65 3.37 -4.34
N THR B 79 6.34 3.04 -4.27
CA THR B 79 5.32 3.85 -4.91
C THR B 79 4.33 4.40 -3.89
N HIS B 80 3.58 5.41 -4.30
CA HIS B 80 2.45 5.91 -3.52
C HIS B 80 1.16 5.13 -3.83
N HIS B 81 1.11 4.35 -4.90
CA HIS B 81 -0.10 3.57 -5.20
C HIS B 81 -0.17 2.36 -4.25
N LYS B 82 -1.38 1.96 -3.87
CA LYS B 82 -1.51 0.77 -3.05
C LYS B 82 -1.28 -0.49 -3.89
N ILE B 83 -0.47 -1.42 -3.36
CA ILE B 83 -0.05 -2.61 -4.11
C ILE B 83 -0.70 -3.89 -3.53
N PHE B 84 -0.66 -4.07 -2.20
CA PHE B 84 -0.93 -5.39 -1.61
C PHE B 84 -1.63 -5.24 -0.27
N THR B 85 -2.71 -6.02 -0.08
CA THR B 85 -3.40 -6.15 1.21
C THR B 85 -3.35 -7.62 1.64
N LYS B 86 -2.93 -7.89 2.88
CA LYS B 86 -2.74 -9.26 3.34
C LYS B 86 -4.07 -9.80 3.88
N THR B 87 -5.00 -10.15 2.99
CA THR B 87 -6.31 -10.66 3.38
C THR B 87 -6.27 -12.09 3.93
N GLY B 88 -5.19 -12.81 3.58
CA GLY B 88 -5.11 -14.25 3.66
C GLY B 88 -5.94 -14.86 2.53
N VAL B 89 -5.67 -16.13 2.21
CA VAL B 89 -6.42 -16.83 1.20
C VAL B 89 -6.84 -18.19 1.74
N LEU B 90 -8.12 -18.44 1.61
CA LEU B 90 -8.78 -19.70 1.99
C LEU B 90 -9.00 -20.58 0.77
N VAL B 91 -8.64 -21.84 0.92
CA VAL B 91 -8.86 -22.86 -0.10
C VAL B 91 -9.69 -23.95 0.55
N PHE B 92 -10.83 -24.34 -0.05
CA PHE B 92 -11.62 -25.40 0.54
C PHE B 92 -12.24 -26.24 -0.56
N GLY B 93 -12.75 -27.40 -0.20
CA GLY B 93 -13.35 -28.31 -1.14
C GLY B 93 -13.86 -29.53 -0.39
N PRO B 94 -14.64 -30.41 -1.06
CA PRO B 94 -15.10 -31.61 -0.38
C PRO B 94 -13.93 -32.51 -0.03
N LYS B 95 -13.88 -33.01 1.20
CA LYS B 95 -12.76 -33.81 1.65
C LYS B 95 -12.61 -35.04 0.75
N GLY B 96 -11.39 -35.23 0.23
CA GLY B 96 -11.06 -36.38 -0.59
C GLY B 96 -11.50 -36.23 -2.04
N GLU B 97 -12.08 -35.09 -2.42
CA GLU B 97 -12.64 -34.95 -3.74
C GLU B 97 -12.15 -33.69 -4.42
N SER B 98 -10.95 -33.21 -4.03
CA SER B 98 -10.37 -32.10 -4.74
C SER B 98 -8.86 -32.24 -4.83
N ALA B 99 -8.35 -32.49 -6.04
CA ALA B 99 -6.91 -32.55 -6.28
C ALA B 99 -6.28 -31.18 -5.99
N PHE B 100 -7.02 -30.11 -6.29
CA PHE B 100 -6.52 -28.76 -6.06
C PHE B 100 -6.23 -28.55 -4.56
N VAL B 101 -7.18 -28.87 -3.71
CA VAL B 101 -7.02 -28.71 -2.27
C VAL B 101 -5.89 -29.62 -1.78
N ALA B 102 -5.87 -30.86 -2.24
CA ALA B 102 -4.81 -31.79 -1.84
C ALA B 102 -3.43 -31.29 -2.22
N GLU B 103 -3.23 -30.75 -3.44
CA GLU B 103 -1.93 -30.26 -3.84
C GLU B 103 -1.55 -28.97 -3.10
N THR B 104 -2.55 -28.15 -2.77
CA THR B 104 -2.27 -26.95 -1.96
C THR B 104 -1.71 -27.37 -0.61
N MET B 105 -2.30 -28.41 -0.05
CA MET B 105 -1.87 -28.93 1.24
C MET B 105 -0.47 -29.53 1.15
N GLU B 106 -0.18 -30.32 0.09
CA GLU B 106 1.15 -30.87 -0.10
C GLU B 106 2.21 -29.81 -0.32
N ALA B 107 1.88 -28.78 -1.10
CA ALA B 107 2.79 -27.69 -1.33
C ALA B 107 3.18 -27.02 -0.01
N ALA B 108 2.18 -26.76 0.82
CA ALA B 108 2.44 -26.07 2.09
C ALA B 108 3.33 -26.94 2.98
N LYS B 109 3.07 -28.25 3.01
CA LYS B 109 3.92 -29.16 3.75
C LYS B 109 5.33 -29.21 3.18
N GLU B 110 5.49 -29.37 1.86
CA GLU B 110 6.83 -29.45 1.28
C GLU B 110 7.68 -28.21 1.54
N HIS B 111 7.06 -27.02 1.53
CA HIS B 111 7.78 -25.76 1.61
C HIS B 111 7.68 -25.13 3.01
N SER B 112 7.15 -25.89 4.00
CA SER B 112 6.99 -25.44 5.38
C SER B 112 6.36 -24.06 5.45
N LEU B 113 5.23 -23.90 4.74
CA LEU B 113 4.55 -22.63 4.78
C LEU B 113 3.66 -22.51 6.01
N THR B 114 3.35 -21.26 6.34
CA THR B 114 2.51 -20.92 7.48
C THR B 114 1.03 -21.08 7.09
N VAL B 115 0.36 -22.10 7.59
CA VAL B 115 -1.01 -22.43 7.20
C VAL B 115 -1.80 -22.97 8.38
N ASP B 116 -3.13 -22.83 8.31
CA ASP B 116 -4.04 -23.49 9.21
C ASP B 116 -4.92 -24.47 8.44
N LEU B 117 -5.19 -25.64 9.05
CA LEU B 117 -6.07 -26.63 8.46
C LEU B 117 -7.35 -26.65 9.27
N LEU B 118 -8.50 -26.69 8.60
CA LEU B 118 -9.80 -26.62 9.22
C LEU B 118 -10.71 -27.63 8.53
N GLU B 119 -11.77 -28.04 9.21
CA GLU B 119 -12.79 -28.83 8.54
C GLU B 119 -14.19 -28.51 9.01
N GLY B 120 -15.13 -28.67 8.07
CA GLY B 120 -16.54 -28.56 8.31
C GLY B 120 -16.98 -27.29 9.01
N ASP B 121 -17.64 -27.47 10.16
CA ASP B 121 -18.26 -26.35 10.85
C ASP B 121 -17.20 -25.38 11.37
N GLU B 122 -15.93 -25.81 11.44
CA GLU B 122 -14.83 -24.96 11.87
C GLU B 122 -14.65 -23.79 10.89
N ILE B 123 -14.81 -24.08 9.58
CA ILE B 123 -14.77 -23.04 8.55
C ILE B 123 -15.87 -22.02 8.77
N ASN B 124 -17.11 -22.50 8.99
CA ASN B 124 -18.30 -21.69 9.12
C ASN B 124 -18.20 -20.80 10.37
N LYS B 125 -17.61 -21.34 11.43
CA LYS B 125 -17.45 -20.64 12.70
C LYS B 125 -16.34 -19.59 12.62
N ARG B 126 -15.25 -19.91 11.94
CA ARG B 126 -14.15 -18.96 11.88
C ARG B 126 -14.52 -17.74 11.04
N TRP B 127 -15.19 -17.97 9.90
CA TRP B 127 -15.56 -16.88 9.00
C TRP B 127 -17.07 -16.85 8.84
N PRO B 128 -17.79 -16.19 9.77
CA PRO B 128 -19.20 -15.96 9.57
C PRO B 128 -19.49 -15.42 8.17
N GLY B 129 -20.44 -16.04 7.51
CA GLY B 129 -20.75 -15.69 6.13
C GLY B 129 -20.49 -16.87 5.19
N ILE B 130 -19.66 -17.83 5.62
CA ILE B 130 -19.41 -19.02 4.83
C ILE B 130 -20.31 -20.14 5.34
N THR B 131 -20.97 -20.85 4.43
CA THR B 131 -21.77 -22.03 4.79
C THR B 131 -21.37 -23.19 3.90
N VAL B 132 -20.39 -23.97 4.33
CA VAL B 132 -20.01 -25.16 3.60
C VAL B 132 -20.64 -26.36 4.30
N PRO B 133 -20.85 -27.45 3.53
CA PRO B 133 -21.23 -28.73 4.12
C PRO B 133 -20.21 -29.27 5.09
N GLU B 134 -20.62 -30.18 5.96
CA GLU B 134 -19.76 -30.68 7.01
C GLU B 134 -18.61 -31.54 6.50
N ASN B 135 -18.74 -32.05 5.28
CA ASN B 135 -17.72 -32.91 4.69
C ASN B 135 -16.62 -32.11 3.98
N TYR B 136 -16.63 -30.77 4.11
CA TYR B 136 -15.59 -29.97 3.46
C TYR B 136 -14.36 -29.83 4.36
N ASN B 137 -13.19 -29.71 3.74
CA ASN B 137 -12.00 -29.31 4.47
C ASN B 137 -11.35 -28.11 3.79
N ALA B 138 -10.37 -27.54 4.48
CA ALA B 138 -9.82 -26.25 4.11
C ALA B 138 -8.37 -26.15 4.54
N ILE B 139 -7.66 -25.35 3.77
CA ILE B 139 -6.35 -24.86 4.16
C ILE B 139 -6.35 -23.34 3.98
N PHE B 140 -5.92 -22.64 5.02
CA PHE B 140 -5.90 -21.18 5.04
C PHE B 140 -4.47 -20.68 5.15
N GLU B 141 -4.10 -19.72 4.29
CA GLU B 141 -2.77 -19.14 4.24
C GLU B 141 -2.88 -17.70 4.71
N PRO B 142 -2.56 -17.38 5.98
CA PRO B 142 -2.78 -16.02 6.47
C PRO B 142 -1.91 -14.96 5.81
N ASN B 143 -0.79 -15.34 5.21
CA ASN B 143 0.14 -14.35 4.68
C ASN B 143 -0.02 -14.13 3.19
N SER B 144 -0.94 -14.86 2.55
CA SER B 144 -1.19 -14.52 1.16
CA SER B 144 -1.33 -14.64 1.17
C SER B 144 -2.28 -13.44 1.14
N GLY B 145 -2.67 -12.96 -0.04
CA GLY B 145 -3.60 -11.85 -0.07
C GLY B 145 -3.96 -11.38 -1.47
N VAL B 146 -4.15 -10.05 -1.56
CA VAL B 146 -4.71 -9.42 -2.75
C VAL B 146 -3.80 -8.33 -3.25
N LEU B 147 -3.59 -8.31 -4.57
CA LEU B 147 -2.87 -7.28 -5.30
C LEU B 147 -3.87 -6.40 -6.02
N PHE B 148 -3.53 -5.11 -6.08
CA PHE B 148 -4.31 -4.14 -6.85
C PHE B 148 -3.63 -4.04 -8.22
N SER B 149 -4.08 -4.82 -9.18
CA SER B 149 -3.33 -5.13 -10.40
C SER B 149 -3.14 -3.91 -11.30
N GLU B 150 -4.14 -3.08 -11.45
CA GLU B 150 -4.01 -1.88 -12.26
C GLU B 150 -3.00 -0.93 -11.61
N ASN B 151 -3.01 -0.83 -10.29
CA ASN B 151 -2.01 -0.04 -9.57
C ASN B 151 -0.61 -0.57 -9.78
N CYS B 152 -0.46 -1.90 -9.74
CA CYS B 152 0.84 -2.55 -9.97
C CYS B 152 1.43 -2.09 -11.32
N ILE B 153 0.65 -2.23 -12.39
CA ILE B 153 1.08 -1.84 -13.72
C ILE B 153 1.40 -0.34 -13.81
N ARG B 154 0.54 0.51 -13.24
CA ARG B 154 0.75 1.95 -13.25
CA ARG B 154 0.74 1.95 -13.25
C ARG B 154 2.05 2.28 -12.53
N ALA B 155 2.28 1.66 -11.34
CA ALA B 155 3.48 1.94 -10.59
C ALA B 155 4.74 1.54 -11.34
N TYR B 156 4.72 0.35 -11.95
CA TYR B 156 5.86 -0.11 -12.73
C TYR B 156 6.11 0.84 -13.90
N ARG B 157 5.04 1.28 -14.54
CA ARG B 157 5.14 2.19 -15.67
C ARG B 157 5.80 3.51 -15.23
N GLU B 158 5.25 4.11 -14.19
CA GLU B 158 5.77 5.38 -13.68
C GLU B 158 7.24 5.28 -13.29
N LEU B 159 7.61 4.22 -12.56
CA LEU B 159 8.98 3.99 -12.16
C LEU B 159 9.90 3.77 -13.35
N ALA B 160 9.45 3.01 -14.32
CA ALA B 160 10.25 2.74 -15.51
C ALA B 160 10.45 4.01 -16.31
N GLU B 161 9.38 4.78 -16.53
CA GLU B 161 9.45 6.01 -17.30
C GLU B 161 10.38 7.02 -16.59
N ALA B 162 10.39 7.05 -15.26
CA ALA B 162 11.25 8.00 -14.54
C ALA B 162 12.71 7.67 -14.77
N ARG B 163 13.02 6.41 -15.08
CA ARG B 163 14.36 5.97 -15.37
C ARG B 163 14.59 5.91 -16.86
N GLY B 164 13.73 6.52 -17.67
CA GLY B 164 14.04 6.74 -19.08
C GLY B 164 13.48 5.67 -20.02
N ALA B 165 12.68 4.72 -19.53
CA ALA B 165 11.90 3.86 -20.43
C ALA B 165 10.94 4.70 -21.27
N LYS B 166 10.82 4.35 -22.55
CA LYS B 166 9.84 4.99 -23.41
CA LYS B 166 9.86 4.98 -23.43
C LYS B 166 8.69 4.02 -23.63
N VAL B 167 7.46 4.51 -23.46
CA VAL B 167 6.25 3.75 -23.66
C VAL B 167 5.50 4.32 -24.85
N LEU B 168 5.33 3.49 -25.89
CA LEU B 168 4.57 3.85 -27.06
C LEU B 168 3.20 3.16 -26.98
N THR B 169 2.16 3.99 -26.80
CA THR B 169 0.80 3.50 -26.64
C THR B 169 0.01 3.51 -27.95
N HIS B 170 -1.14 2.83 -27.92
CA HIS B 170 -2.04 2.73 -29.05
C HIS B 170 -1.30 2.33 -30.33
N THR B 171 -0.37 1.39 -30.23
CA THR B 171 0.47 0.95 -31.33
C THR B 171 0.47 -0.57 -31.37
N ARG B 172 -0.13 -1.14 -32.42
CA ARG B 172 -0.22 -2.58 -32.56
C ARG B 172 0.96 -3.04 -33.41
N VAL B 173 1.80 -3.89 -32.84
CA VAL B 173 2.90 -4.51 -33.59
C VAL B 173 2.26 -5.57 -34.47
N GLU B 174 2.70 -5.64 -35.74
CA GLU B 174 2.05 -6.51 -36.72
C GLU B 174 3.01 -7.54 -37.27
N ASP B 175 4.31 -7.25 -37.18
CA ASP B 175 5.30 -8.18 -37.70
C ASP B 175 6.68 -7.95 -37.08
N PHE B 176 7.57 -8.93 -37.28
CA PHE B 176 8.84 -8.96 -36.62
C PHE B 176 9.87 -9.33 -37.69
N ASP B 177 11.12 -8.92 -37.49
CA ASP B 177 12.23 -9.37 -38.31
C ASP B 177 13.39 -9.66 -37.39
N ILE B 178 13.73 -10.94 -37.23
CA ILE B 178 14.75 -11.35 -36.28
C ILE B 178 16.02 -11.74 -37.02
N SER B 179 17.13 -11.14 -36.66
CA SER B 179 18.44 -11.55 -37.14
C SER B 179 19.25 -12.16 -36.01
N PRO B 180 20.41 -12.79 -36.32
CA PRO B 180 21.28 -13.26 -35.26
C PRO B 180 21.74 -12.17 -34.29
N ASP B 181 21.82 -10.92 -34.74
CA ASP B 181 22.44 -9.88 -33.93
C ASP B 181 21.51 -8.71 -33.61
N SER B 182 20.27 -8.76 -34.08
CA SER B 182 19.35 -7.66 -33.83
C SER B 182 17.91 -8.10 -34.06
N VAL B 183 16.98 -7.33 -33.51
CA VAL B 183 15.56 -7.52 -33.70
C VAL B 183 14.94 -6.24 -34.25
N LYS B 184 13.84 -6.37 -35.00
CA LYS B 184 13.12 -5.25 -35.58
CA LYS B 184 13.12 -5.23 -35.56
C LYS B 184 11.62 -5.52 -35.50
N ILE B 185 10.84 -4.49 -35.14
CA ILE B 185 9.39 -4.63 -35.12
C ILE B 185 8.75 -3.70 -36.14
N GLU B 186 7.58 -4.10 -36.65
CA GLU B 186 6.79 -3.35 -37.63
C GLU B 186 5.42 -2.99 -37.06
N THR B 187 5.17 -1.69 -37.04
CA THR B 187 4.01 -1.14 -36.34
C THR B 187 2.93 -0.65 -37.32
N ALA B 188 3.25 -0.53 -38.62
CA ALA B 188 2.46 0.22 -39.60
C ALA B 188 2.22 1.63 -39.06
N ASN B 189 3.26 2.46 -39.15
CA ASN B 189 3.50 3.52 -38.18
C ASN B 189 4.98 3.84 -38.19
N GLY B 190 5.77 2.75 -38.26
CA GLY B 190 7.21 2.81 -38.32
C GLY B 190 7.78 1.48 -37.83
N SER B 191 9.10 1.46 -37.70
CA SER B 191 9.81 0.27 -37.28
C SER B 191 10.86 0.70 -36.26
N TYR B 192 11.21 -0.17 -35.31
CA TYR B 192 12.23 0.12 -34.32
C TYR B 192 13.14 -1.10 -34.21
N THR B 193 14.39 -0.90 -33.80
CA THR B 193 15.30 -2.02 -33.68
C THR B 193 15.92 -2.04 -32.29
N ALA B 194 16.42 -3.22 -31.91
CA ALA B 194 17.08 -3.44 -30.65
C ALA B 194 17.97 -4.66 -30.73
N ASP B 195 18.67 -4.92 -29.63
CA ASP B 195 19.49 -6.09 -29.45
C ASP B 195 18.60 -7.29 -29.09
N LYS B 196 17.53 -7.04 -28.31
CA LYS B 196 16.77 -8.14 -27.73
C LYS B 196 15.30 -7.76 -27.73
N LEU B 197 14.44 -8.77 -27.85
CA LEU B 197 12.99 -8.62 -27.89
C LEU B 197 12.36 -9.45 -26.78
N ILE B 198 11.39 -8.87 -26.04
CA ILE B 198 10.52 -9.64 -25.17
C ILE B 198 9.11 -9.54 -25.75
N VAL B 199 8.44 -10.67 -25.91
CA VAL B 199 7.11 -10.76 -26.47
C VAL B 199 6.16 -11.20 -25.37
N SER B 200 5.19 -10.32 -25.06
CA SER B 200 4.26 -10.53 -23.96
C SER B 200 2.92 -9.90 -24.28
N MET B 201 2.26 -10.44 -25.31
CA MET B 201 1.06 -9.83 -25.86
C MET B 201 -0.24 -10.39 -25.29
N GLY B 202 -0.18 -11.14 -24.20
CA GLY B 202 -1.38 -11.63 -23.56
C GLY B 202 -2.23 -12.47 -24.51
N ALA B 203 -3.53 -12.18 -24.58
CA ALA B 203 -4.42 -13.01 -25.38
C ALA B 203 -4.06 -12.93 -26.87
N TRP B 204 -3.37 -11.86 -27.28
CA TRP B 204 -3.00 -11.70 -28.67
C TRP B 204 -1.76 -12.51 -29.02
N ASN B 205 -1.11 -13.15 -28.03
CA ASN B 205 -0.08 -14.15 -28.32
C ASN B 205 -0.69 -15.26 -29.19
N SER B 206 -1.96 -15.59 -28.95
CA SER B 206 -2.67 -16.66 -29.66
CA SER B 206 -2.67 -16.65 -29.66
C SER B 206 -2.75 -16.35 -31.16
N LYS B 207 -2.71 -15.05 -31.52
CA LYS B 207 -2.86 -14.62 -32.92
C LYS B 207 -1.55 -14.29 -33.59
N LEU B 208 -0.59 -13.78 -32.83
CA LEU B 208 0.57 -13.16 -33.44
C LEU B 208 1.89 -13.94 -33.24
N LEU B 209 1.92 -15.00 -32.43
CA LEU B 209 3.16 -15.75 -32.30
C LEU B 209 3.51 -16.49 -33.60
N SER B 210 2.53 -16.72 -34.46
CA SER B 210 2.80 -17.29 -35.77
C SER B 210 3.70 -16.39 -36.61
N LYS B 211 3.71 -15.08 -36.34
CA LYS B 211 4.62 -14.16 -37.00
C LYS B 211 6.07 -14.36 -36.56
N LEU B 212 6.32 -15.18 -35.52
CA LEU B 212 7.67 -15.54 -35.11
C LEU B 212 7.92 -17.03 -35.37
N ASN B 213 7.16 -17.59 -36.32
CA ASN B 213 7.33 -18.96 -36.75
C ASN B 213 7.07 -19.94 -35.61
N LEU B 214 6.16 -19.57 -34.68
CA LEU B 214 5.84 -20.49 -33.61
C LEU B 214 4.45 -21.04 -33.83
N ASP B 215 4.27 -22.30 -33.44
CA ASP B 215 3.00 -23.01 -33.55
C ASP B 215 2.69 -23.63 -32.18
N ILE B 216 1.99 -22.85 -31.32
CA ILE B 216 1.75 -23.26 -29.95
C ILE B 216 0.25 -23.13 -29.72
N PRO B 217 -0.41 -24.21 -29.30
CA PRO B 217 -1.83 -24.17 -28.98
C PRO B 217 -2.07 -23.21 -27.82
N LEU B 218 -2.84 -22.16 -28.08
CA LEU B 218 -3.19 -21.15 -27.10
C LEU B 218 -4.65 -20.81 -27.33
N GLN B 219 -5.44 -20.78 -26.28
CA GLN B 219 -6.86 -20.48 -26.43
C GLN B 219 -7.25 -19.36 -25.48
N PRO B 220 -7.62 -18.19 -26.01
CA PRO B 220 -8.28 -17.15 -25.22
C PRO B 220 -9.68 -17.54 -24.77
N TYR B 221 -9.99 -17.16 -23.52
CA TYR B 221 -11.29 -17.37 -22.91
C TYR B 221 -11.83 -16.09 -22.30
N ARG B 222 -13.15 -15.91 -22.46
CA ARG B 222 -13.90 -14.83 -21.85
C ARG B 222 -14.30 -15.23 -20.43
N GLN B 223 -13.84 -14.42 -19.47
CA GLN B 223 -13.99 -14.73 -18.06
C GLN B 223 -14.54 -13.51 -17.34
N VAL B 224 -15.74 -13.65 -16.77
CA VAL B 224 -16.37 -12.53 -16.12
C VAL B 224 -16.21 -12.61 -14.59
N VAL B 225 -16.42 -11.46 -13.98
CA VAL B 225 -16.47 -11.31 -12.54
C VAL B 225 -17.64 -10.38 -12.20
N GLY B 226 -18.15 -10.55 -11.02
CA GLY B 226 -19.21 -9.69 -10.53
C GLY B 226 -18.91 -9.23 -9.12
N PHE B 227 -19.32 -7.98 -8.81
CA PHE B 227 -19.28 -7.42 -7.47
C PHE B 227 -20.72 -7.36 -6.94
N PHE B 228 -20.94 -7.85 -5.73
CA PHE B 228 -22.29 -8.01 -5.19
C PHE B 228 -22.43 -7.28 -3.86
N GLU B 229 -23.58 -6.63 -3.68
CA GLU B 229 -23.89 -6.04 -2.38
C GLU B 229 -23.94 -7.16 -1.34
N SER B 230 -23.24 -6.92 -0.23
CA SER B 230 -23.01 -7.96 0.77
C SER B 230 -23.22 -7.42 2.19
N ASP B 231 -23.35 -8.36 3.12
CA ASP B 231 -23.40 -7.99 4.52
C ASP B 231 -21.99 -7.62 5.00
N GLU B 232 -21.77 -6.31 5.21
CA GLU B 232 -20.41 -5.83 5.49
C GLU B 232 -19.89 -6.30 6.85
N SER B 233 -20.79 -6.67 7.76
CA SER B 233 -20.38 -7.19 9.04
C SER B 233 -19.79 -8.59 8.92
N LYS B 234 -19.92 -9.23 7.76
CA LYS B 234 -19.39 -10.54 7.53
C LYS B 234 -18.32 -10.50 6.45
N TYR B 235 -18.58 -9.79 5.33
CA TYR B 235 -17.75 -10.03 4.17
C TYR B 235 -16.71 -8.92 3.89
N SER B 236 -16.59 -7.94 4.76
CA SER B 236 -15.63 -6.86 4.60
CA SER B 236 -15.64 -6.88 4.54
C SER B 236 -14.21 -7.33 4.89
N ASN B 237 -13.26 -6.73 4.19
CA ASN B 237 -11.83 -6.86 4.52
C ASN B 237 -11.57 -6.35 5.96
N ASP B 238 -12.39 -5.39 6.41
CA ASP B 238 -12.20 -4.81 7.75
C ASP B 238 -12.49 -5.82 8.86
N ILE B 239 -13.28 -6.87 8.58
CA ILE B 239 -13.54 -7.92 9.56
C ILE B 239 -12.84 -9.22 9.18
N ASP B 240 -11.77 -9.10 8.39
CA ASP B 240 -10.87 -10.19 8.08
C ASP B 240 -11.51 -11.30 7.25
N PHE B 241 -12.50 -10.95 6.42
CA PHE B 241 -13.04 -11.92 5.49
C PHE B 241 -11.91 -12.16 4.48
N PRO B 242 -11.60 -13.41 4.12
CA PRO B 242 -10.41 -13.68 3.30
C PRO B 242 -10.69 -13.64 1.80
N GLY B 243 -9.62 -13.59 1.01
CA GLY B 243 -9.71 -13.98 -0.40
C GLY B 243 -9.87 -15.51 -0.42
N PHE B 244 -10.32 -16.07 -1.53
CA PHE B 244 -10.59 -17.51 -1.56
C PHE B 244 -10.55 -18.04 -2.99
N MET B 245 -10.15 -19.32 -3.07
CA MET B 245 -10.17 -20.10 -4.30
C MET B 245 -10.57 -21.50 -3.88
N VAL B 246 -11.74 -21.96 -4.36
CA VAL B 246 -12.36 -23.15 -3.79
C VAL B 246 -12.88 -24.07 -4.88
N GLU B 247 -12.92 -25.36 -4.53
CA GLU B 247 -13.43 -26.37 -5.44
C GLU B 247 -14.74 -26.92 -4.89
N VAL B 248 -15.75 -26.89 -5.76
CA VAL B 248 -17.06 -27.46 -5.47
C VAL B 248 -17.39 -28.46 -6.58
N PRO B 249 -18.48 -29.26 -6.48
CA PRO B 249 -18.72 -30.29 -7.47
C PRO B 249 -18.72 -29.80 -8.93
N ASN B 250 -19.21 -28.58 -9.16
CA ASN B 250 -19.31 -28.04 -10.51
C ASN B 250 -18.17 -27.09 -10.88
N GLY B 251 -17.06 -27.09 -10.14
CA GLY B 251 -15.81 -26.48 -10.58
C GLY B 251 -15.19 -25.57 -9.51
N ILE B 252 -14.37 -24.63 -9.98
CA ILE B 252 -13.57 -23.78 -9.11
C ILE B 252 -14.08 -22.36 -9.22
N TYR B 253 -14.34 -21.76 -8.05
CA TYR B 253 -14.69 -20.36 -7.92
C TYR B 253 -13.63 -19.65 -7.07
N TYR B 254 -13.56 -18.34 -7.25
CA TYR B 254 -12.64 -17.49 -6.50
C TYR B 254 -13.30 -16.16 -6.18
N GLY B 255 -12.78 -15.48 -5.15
CA GLY B 255 -13.36 -14.22 -4.78
C GLY B 255 -12.55 -13.48 -3.74
N PHE B 256 -13.10 -12.31 -3.42
CA PHE B 256 -12.39 -11.28 -2.67
C PHE B 256 -13.35 -10.67 -1.66
N PRO B 257 -12.86 -10.30 -0.47
CA PRO B 257 -13.69 -9.56 0.47
C PRO B 257 -14.03 -8.18 -0.11
N SER B 258 -15.10 -7.58 0.43
CA SER B 258 -15.45 -6.24 0.09
C SER B 258 -14.41 -5.25 0.67
N PHE B 259 -13.94 -4.35 -0.18
CA PHE B 259 -12.99 -3.30 0.18
C PHE B 259 -13.70 -1.95 0.10
N GLY B 260 -13.86 -1.31 1.27
CA GLY B 260 -14.46 0.01 1.31
C GLY B 260 -15.88 0.02 0.74
N GLY B 261 -16.59 -1.09 0.93
CA GLY B 261 -17.97 -1.22 0.52
C GLY B 261 -18.14 -1.46 -0.99
N CYS B 262 -17.10 -1.92 -1.71
CA CYS B 262 -17.24 -2.25 -3.13
C CYS B 262 -18.10 -3.49 -3.37
N GLY B 263 -18.26 -4.32 -2.35
CA GLY B 263 -18.95 -5.60 -2.48
C GLY B 263 -18.00 -6.78 -2.65
N LEU B 264 -18.46 -7.96 -2.26
CA LEU B 264 -17.69 -9.16 -2.52
C LEU B 264 -17.60 -9.34 -4.04
N LYS B 265 -16.40 -9.73 -4.51
CA LYS B 265 -16.20 -9.98 -5.92
C LYS B 265 -15.99 -11.48 -6.12
N LEU B 266 -16.68 -12.04 -7.14
CA LEU B 266 -16.67 -13.48 -7.40
C LEU B 266 -16.43 -13.74 -8.87
N GLY B 267 -15.64 -14.79 -9.16
CA GLY B 267 -15.48 -15.33 -10.50
C GLY B 267 -15.64 -16.84 -10.50
N TYR B 268 -15.97 -17.39 -11.70
CA TYR B 268 -16.00 -18.82 -11.97
C TYR B 268 -14.80 -19.13 -12.86
N HIS B 269 -13.87 -19.90 -12.35
CA HIS B 269 -12.56 -20.10 -12.97
C HIS B 269 -12.58 -21.14 -14.07
N THR B 270 -13.32 -22.24 -13.88
CA THR B 270 -13.15 -23.40 -14.77
C THR B 270 -14.06 -23.36 -15.99
N PHE B 271 -14.91 -22.33 -16.11
CA PHE B 271 -15.76 -22.16 -17.27
C PHE B 271 -15.54 -20.76 -17.83
N GLY B 272 -15.52 -20.67 -19.16
CA GLY B 272 -15.61 -19.43 -19.89
C GLY B 272 -15.87 -19.73 -21.35
N GLN B 273 -16.11 -18.66 -22.13
CA GLN B 273 -16.35 -18.85 -23.56
C GLN B 273 -15.02 -18.77 -24.30
N LYS B 274 -14.83 -19.67 -25.27
CA LYS B 274 -13.68 -19.59 -26.19
C LYS B 274 -13.92 -18.41 -27.13
N ILE B 275 -12.97 -17.47 -27.20
CA ILE B 275 -13.13 -16.24 -27.96
C ILE B 275 -11.85 -15.90 -28.73
N ASP B 276 -12.00 -14.90 -29.61
CA ASP B 276 -10.92 -14.21 -30.25
C ASP B 276 -10.81 -12.83 -29.60
N PRO B 277 -9.61 -12.37 -29.17
CA PRO B 277 -9.52 -11.10 -28.43
C PRO B 277 -9.98 -9.87 -29.20
N ASP B 278 -10.03 -10.00 -30.54
CA ASP B 278 -10.47 -8.88 -31.36
C ASP B 278 -11.98 -8.88 -31.56
N THR B 279 -12.68 -9.95 -31.16
CA THR B 279 -14.13 -9.98 -31.32
C THR B 279 -14.92 -10.33 -30.06
N ILE B 280 -14.24 -10.43 -28.91
CA ILE B 280 -14.89 -10.72 -27.65
C ILE B 280 -15.97 -9.67 -27.36
N ASN B 281 -17.08 -10.11 -26.76
CA ASN B 281 -18.09 -9.22 -26.22
C ASN B 281 -17.76 -8.85 -24.77
N ARG B 282 -17.41 -7.60 -24.54
CA ARG B 282 -16.83 -7.13 -23.29
CA ARG B 282 -16.83 -7.20 -23.25
C ARG B 282 -17.91 -6.57 -22.38
N GLU B 283 -19.19 -6.85 -22.70
CA GLU B 283 -20.30 -6.42 -21.85
C GLU B 283 -20.74 -7.56 -20.92
N PHE B 284 -20.74 -7.28 -19.60
CA PHE B 284 -21.18 -8.30 -18.65
C PHE B 284 -22.68 -8.46 -18.74
N GLY B 285 -23.16 -9.70 -18.71
CA GLY B 285 -24.59 -10.00 -18.59
C GLY B 285 -25.27 -10.36 -19.92
N VAL B 286 -24.54 -10.41 -21.04
CA VAL B 286 -25.14 -10.69 -22.34
C VAL B 286 -25.39 -12.18 -22.50
N TYR B 287 -24.68 -13.00 -21.72
CA TYR B 287 -24.99 -14.42 -21.63
CA TYR B 287 -24.90 -14.43 -21.60
C TYR B 287 -25.60 -14.68 -20.26
N PRO B 288 -26.63 -15.53 -20.19
CA PRO B 288 -27.29 -15.78 -18.92
C PRO B 288 -26.35 -16.37 -17.88
N GLU B 289 -25.32 -17.09 -18.35
CA GLU B 289 -24.33 -17.73 -17.49
C GLU B 289 -23.56 -16.71 -16.65
N ASP B 290 -23.39 -15.49 -17.17
CA ASP B 290 -22.48 -14.50 -16.57
C ASP B 290 -22.86 -14.24 -15.13
N GLU B 291 -24.15 -13.93 -14.89
CA GLU B 291 -24.59 -13.69 -13.53
C GLU B 291 -25.06 -14.98 -12.86
N SER B 292 -25.72 -15.90 -13.60
CA SER B 292 -26.33 -17.06 -12.97
CA SER B 292 -26.33 -17.06 -12.98
C SER B 292 -25.28 -17.99 -12.35
N ASN B 293 -24.11 -18.18 -13.01
CA ASN B 293 -23.11 -19.10 -12.46
C ASN B 293 -22.58 -18.58 -11.13
N LEU B 294 -22.55 -17.26 -10.98
CA LEU B 294 -22.02 -16.63 -9.78
C LEU B 294 -23.03 -16.78 -8.67
N ARG B 295 -24.30 -16.47 -8.97
CA ARG B 295 -25.33 -16.59 -7.94
C ARG B 295 -25.51 -18.02 -7.47
N ALA B 296 -25.33 -19.00 -8.37
CA ALA B 296 -25.42 -20.41 -8.00
C ALA B 296 -24.47 -20.72 -6.83
N PHE B 297 -23.26 -20.15 -6.88
CA PHE B 297 -22.29 -20.35 -5.81
C PHE B 297 -22.73 -19.56 -4.58
N LEU B 298 -23.04 -18.28 -4.73
CA LEU B 298 -23.24 -17.42 -3.56
C LEU B 298 -24.42 -17.91 -2.72
N GLU B 299 -25.48 -18.33 -3.41
CA GLU B 299 -26.68 -18.74 -2.69
C GLU B 299 -26.39 -19.98 -1.84
N GLU B 300 -25.48 -20.86 -2.27
CA GLU B 300 -25.18 -22.09 -1.56
C GLU B 300 -24.13 -21.90 -0.47
N TYR B 301 -23.08 -21.11 -0.75
CA TYR B 301 -21.89 -21.13 0.09
C TYR B 301 -21.58 -19.80 0.77
N MET B 302 -22.12 -18.67 0.29
CA MET B 302 -21.88 -17.35 0.88
C MET B 302 -23.14 -16.51 0.75
N PRO B 303 -24.23 -16.96 1.43
CA PRO B 303 -25.57 -16.46 1.17
C PRO B 303 -25.83 -15.00 1.51
N GLY B 304 -25.01 -14.41 2.40
CA GLY B 304 -25.15 -13.00 2.72
C GLY B 304 -24.43 -12.06 1.75
N ALA B 305 -23.71 -12.65 0.76
CA ALA B 305 -23.04 -11.89 -0.28
C ALA B 305 -23.74 -11.97 -1.63
N ASN B 306 -25.06 -12.18 -1.64
CA ASN B 306 -25.83 -12.47 -2.83
C ASN B 306 -26.86 -11.35 -3.06
N GLY B 307 -26.47 -10.08 -2.89
CA GLY B 307 -27.35 -8.95 -3.06
C GLY B 307 -27.32 -8.45 -4.50
N GLU B 308 -27.65 -7.17 -4.66
CA GLU B 308 -27.71 -6.49 -5.95
C GLU B 308 -26.34 -6.58 -6.61
N LEU B 309 -26.33 -6.77 -7.92
CA LEU B 309 -25.11 -6.68 -8.69
C LEU B 309 -24.70 -5.22 -8.80
N LYS B 310 -23.52 -4.91 -8.29
CA LYS B 310 -23.02 -3.56 -8.25
C LYS B 310 -22.26 -3.23 -9.52
N ARG B 311 -21.54 -4.22 -10.04
CA ARG B 311 -20.59 -4.00 -11.11
C ARG B 311 -20.25 -5.38 -11.70
N GLY B 312 -20.08 -5.43 -13.03
CA GLY B 312 -19.51 -6.60 -13.68
C GLY B 312 -18.33 -6.19 -14.57
N ALA B 313 -17.45 -7.14 -14.84
CA ALA B 313 -16.31 -6.92 -15.71
C ALA B 313 -16.12 -8.19 -16.54
N VAL B 314 -15.56 -7.99 -17.73
CA VAL B 314 -15.21 -9.05 -18.65
C VAL B 314 -13.72 -8.97 -18.92
N CYS B 315 -13.02 -10.11 -18.76
CA CYS B 315 -11.57 -10.19 -18.84
C CYS B 315 -11.21 -11.46 -19.61
N MET B 316 -9.93 -11.63 -20.02
CA MET B 316 -9.53 -12.80 -20.77
C MET B 316 -8.46 -13.63 -20.04
N TYR B 317 -8.59 -14.96 -20.11
CA TYR B 317 -7.47 -15.89 -19.88
C TYR B 317 -6.90 -16.30 -21.23
N THR B 318 -5.64 -16.75 -21.23
CA THR B 318 -5.05 -17.41 -22.39
C THR B 318 -4.47 -18.74 -21.93
N LYS B 319 -5.14 -19.83 -22.31
CA LYS B 319 -4.77 -21.14 -21.77
C LYS B 319 -3.86 -21.95 -22.68
N THR B 320 -2.86 -22.60 -22.10
CA THR B 320 -2.11 -23.66 -22.74
C THR B 320 -2.80 -24.99 -22.51
N LEU B 321 -2.33 -26.05 -23.20
CA LEU B 321 -2.92 -27.38 -23.03
C LEU B 321 -2.77 -27.94 -21.63
N ASP B 322 -1.67 -27.62 -20.93
CA ASP B 322 -1.41 -28.13 -19.60
C ASP B 322 -1.67 -27.08 -18.51
N GLU B 323 -2.06 -25.87 -18.95
CA GLU B 323 -2.39 -24.73 -18.07
C GLU B 323 -1.18 -24.28 -17.26
N HIS B 324 0.03 -24.64 -17.70
CA HIS B 324 1.24 -24.03 -17.21
C HIS B 324 1.72 -22.97 -18.18
N PHE B 325 2.56 -22.08 -17.67
CA PHE B 325 2.96 -20.90 -18.40
C PHE B 325 4.00 -21.27 -19.45
N ILE B 326 4.24 -20.32 -20.34
CA ILE B 326 5.39 -20.37 -21.22
C ILE B 326 6.28 -19.18 -20.90
N ILE B 327 7.53 -19.47 -20.51
CA ILE B 327 8.49 -18.44 -20.21
C ILE B 327 9.82 -19.00 -20.67
N ASP B 328 10.30 -18.53 -21.81
CA ASP B 328 11.49 -19.18 -22.37
C ASP B 328 12.08 -18.32 -23.47
N LEU B 329 13.33 -18.63 -23.88
CA LEU B 329 13.83 -18.11 -25.14
C LEU B 329 13.12 -18.77 -26.30
N HIS B 330 13.00 -18.02 -27.39
CA HIS B 330 12.48 -18.58 -28.62
C HIS B 330 13.36 -19.74 -29.03
N PRO B 331 12.77 -20.92 -29.38
CA PRO B 331 13.56 -22.10 -29.71
C PRO B 331 14.57 -21.88 -30.83
N GLU B 332 14.41 -20.86 -31.70
CA GLU B 332 15.36 -20.60 -32.77
C GLU B 332 16.11 -19.28 -32.65
N HIS B 333 15.77 -18.42 -31.67
CA HIS B 333 16.39 -17.10 -31.55
C HIS B 333 16.64 -16.78 -30.10
N SER B 334 17.91 -16.81 -29.69
CA SER B 334 18.25 -16.62 -28.30
C SER B 334 18.11 -15.15 -27.90
N ASN B 335 17.89 -14.26 -28.86
CA ASN B 335 17.67 -12.84 -28.59
C ASN B 335 16.19 -12.48 -28.47
N VAL B 336 15.32 -13.51 -28.39
CA VAL B 336 13.89 -13.29 -28.31
C VAL B 336 13.39 -14.09 -27.12
N VAL B 337 12.61 -13.41 -26.24
CA VAL B 337 12.07 -14.02 -25.05
C VAL B 337 10.55 -14.00 -25.17
N ILE B 338 9.92 -15.13 -24.83
CA ILE B 338 8.47 -15.32 -24.95
C ILE B 338 7.89 -15.45 -23.55
N ALA B 339 6.80 -14.71 -23.26
CA ALA B 339 6.02 -14.88 -22.05
C ALA B 339 4.54 -15.03 -22.41
N ALA B 340 3.97 -16.22 -22.28
CA ALA B 340 2.64 -16.47 -22.84
C ALA B 340 1.91 -17.53 -22.06
N GLY B 341 0.59 -17.60 -22.27
CA GLY B 341 -0.13 -18.77 -21.82
C GLY B 341 -0.34 -18.81 -20.31
N PHE B 342 -0.65 -17.65 -19.68
CA PHE B 342 -0.70 -17.62 -18.21
C PHE B 342 -1.98 -18.24 -17.62
N SER B 343 -2.94 -18.67 -18.46
CA SER B 343 -3.93 -19.67 -18.08
C SER B 343 -4.81 -19.28 -16.87
N GLY B 344 -5.02 -17.99 -16.71
CA GLY B 344 -5.88 -17.44 -15.68
C GLY B 344 -5.26 -17.42 -14.29
N HIS B 345 -3.93 -17.63 -14.17
CA HIS B 345 -3.32 -17.59 -12.84
C HIS B 345 -1.92 -16.96 -12.81
N GLY B 346 -1.67 -16.06 -13.75
CA GLY B 346 -0.34 -15.48 -13.90
C GLY B 346 -0.09 -14.18 -13.13
N PHE B 347 -1.11 -13.40 -12.77
CA PHE B 347 -0.82 -12.04 -12.34
C PHE B 347 0.06 -12.04 -11.09
N LYS B 348 -0.19 -12.90 -10.15
CA LYS B 348 0.53 -12.91 -8.89
C LYS B 348 2.05 -13.10 -9.10
N PHE B 349 2.43 -13.74 -10.21
CA PHE B 349 3.83 -14.01 -10.54
C PHE B 349 4.45 -12.87 -11.37
N SER B 350 3.67 -11.86 -11.77
CA SER B 350 4.17 -10.91 -12.75
C SER B 350 5.44 -10.19 -12.28
N SER B 351 5.58 -9.91 -10.98
CA SER B 351 6.78 -9.27 -10.45
C SER B 351 7.97 -10.19 -10.72
N GLY B 352 7.84 -11.47 -10.30
CA GLY B 352 8.93 -12.43 -10.49
C GLY B 352 9.18 -12.70 -11.96
N VAL B 353 8.13 -12.73 -12.77
CA VAL B 353 8.29 -12.93 -14.22
C VAL B 353 9.03 -11.76 -14.87
N GLY B 354 8.78 -10.54 -14.39
CA GLY B 354 9.49 -9.38 -14.89
C GLY B 354 10.99 -9.58 -14.69
N GLU B 355 11.35 -10.07 -13.49
CA GLU B 355 12.75 -10.31 -13.16
C GLU B 355 13.30 -11.40 -14.09
N VAL B 356 12.60 -12.53 -14.26
CA VAL B 356 13.03 -13.59 -15.14
C VAL B 356 13.23 -13.09 -16.56
N LEU B 357 12.27 -12.36 -17.11
CA LEU B 357 12.36 -11.89 -18.49
C LEU B 357 13.55 -10.96 -18.66
N SER B 358 13.78 -10.07 -17.69
CA SER B 358 14.93 -9.18 -17.75
CA SER B 358 14.94 -9.18 -17.70
C SER B 358 16.23 -10.01 -17.77
N GLN B 359 16.32 -11.05 -16.94
CA GLN B 359 17.51 -11.90 -16.89
C GLN B 359 17.69 -12.63 -18.22
N LEU B 360 16.60 -13.19 -18.77
CA LEU B 360 16.72 -13.91 -20.02
C LEU B 360 17.12 -12.98 -21.16
N ALA B 361 16.58 -11.76 -21.18
CA ALA B 361 16.88 -10.85 -22.26
C ALA B 361 18.35 -10.40 -22.18
N LEU B 362 18.83 -10.16 -20.97
CA LEU B 362 20.15 -9.57 -20.76
C LEU B 362 21.24 -10.63 -20.83
N THR B 363 20.99 -11.87 -20.39
CA THR B 363 22.06 -12.85 -20.18
C THR B 363 21.77 -14.18 -20.89
N GLY B 364 20.55 -14.42 -21.36
CA GLY B 364 20.17 -15.70 -21.94
C GLY B 364 19.90 -16.79 -20.91
N LYS B 365 19.96 -16.45 -19.63
CA LYS B 365 19.81 -17.38 -18.52
C LYS B 365 19.00 -16.67 -17.44
N THR B 366 18.57 -17.43 -16.42
CA THR B 366 17.98 -16.83 -15.24
C THR B 366 18.46 -17.62 -14.01
N GLU B 367 18.43 -16.96 -12.85
CA GLU B 367 18.78 -17.63 -11.61
C GLU B 367 17.64 -18.55 -11.17
N HIS B 368 16.41 -18.28 -11.61
CA HIS B 368 15.25 -19.11 -11.23
C HIS B 368 15.26 -20.40 -12.06
N ASP B 369 14.84 -21.53 -11.47
CA ASP B 369 14.50 -22.71 -12.27
C ASP B 369 13.16 -22.46 -12.94
N ILE B 370 13.14 -22.41 -14.28
CA ILE B 370 11.91 -22.16 -15.03
C ILE B 370 11.63 -23.32 -15.99
N SER B 371 12.21 -24.53 -15.73
CA SER B 371 12.05 -25.64 -16.64
C SER B 371 10.58 -26.05 -16.82
N ILE B 372 9.74 -25.83 -15.79
CA ILE B 372 8.34 -26.21 -15.91
C ILE B 372 7.61 -25.35 -16.93
N PHE B 373 8.25 -24.24 -17.38
CA PHE B 373 7.60 -23.35 -18.33
C PHE B 373 8.25 -23.40 -19.71
N SER B 374 9.06 -24.43 -19.94
CA SER B 374 9.79 -24.54 -21.19
C SER B 374 8.85 -24.61 -22.39
N ILE B 375 9.27 -23.92 -23.46
CA ILE B 375 8.58 -23.92 -24.73
C ILE B 375 8.80 -25.24 -25.43
N ASN B 376 9.71 -26.10 -24.90
CA ASN B 376 10.04 -27.34 -25.60
C ASN B 376 9.39 -28.53 -24.90
N ARG B 377 8.59 -28.29 -23.87
CA ARG B 377 8.05 -29.40 -23.12
C ARG B 377 6.98 -30.12 -23.95
N PRO B 378 6.86 -31.46 -23.80
CA PRO B 378 5.91 -32.23 -24.59
C PRO B 378 4.45 -31.83 -24.44
N ALA B 379 4.04 -31.49 -23.21
CA ALA B 379 2.62 -31.28 -22.94
C ALA B 379 2.06 -30.04 -23.61
N LEU B 380 2.89 -29.14 -24.15
CA LEU B 380 2.36 -27.97 -24.86
C LEU B 380 1.67 -28.34 -26.17
N LYS B 381 2.08 -29.48 -26.76
CA LYS B 381 1.73 -29.76 -28.15
C LYS B 381 0.49 -30.65 -28.22
N GLU B 382 -0.31 -30.45 -29.29
CA GLU B 382 -1.45 -31.31 -29.60
C GLU B 382 -0.97 -32.75 -29.80
N SER B 383 -1.87 -33.71 -29.61
CA SER B 383 -1.50 -35.12 -29.62
C SER B 383 -0.65 -35.51 -30.83
N LEU B 384 -0.99 -35.02 -32.03
CA LEU B 384 -0.33 -35.45 -33.25
C LEU B 384 0.74 -34.43 -33.71
N GLN B 385 1.06 -33.43 -32.87
CA GLN B 385 1.96 -32.34 -33.24
C GLN B 385 3.42 -32.67 -32.88
N LYS B 386 4.35 -32.49 -33.84
CA LYS B 386 5.74 -32.90 -33.61
C LYS B 386 6.55 -31.77 -32.97
N THR B 387 6.44 -30.51 -33.44
CA THR B 387 7.20 -29.41 -32.82
C THR B 387 6.39 -28.10 -32.78
N THR B 388 6.80 -27.21 -31.86
CA THR B 388 6.22 -25.88 -31.74
C THR B 388 6.81 -24.91 -32.78
N ILE B 389 7.77 -25.38 -33.61
CA ILE B 389 8.38 -24.56 -34.64
C ILE B 389 7.62 -24.76 -35.96
N GLY B 390 7.44 -23.67 -36.71
CA GLY B 390 6.64 -23.70 -37.92
C GLY B 390 5.16 -23.62 -37.59
#